data_8AT1
#
_entry.id   8AT1
#
_cell.length_a   122.200
_cell.length_b   122.200
_cell.length_c   155.200
_cell.angle_alpha   90.00
_cell.angle_beta   90.00
_cell.angle_gamma   120.00
#
_symmetry.space_group_name_H-M   'P 3 2 1'
#
loop_
_entity.id
_entity.type
_entity.pdbx_description
1 polymer 'ASPARTATE CARBAMOYLTRANSFERASE (R STATE), CATALYTIC CHAIN'
2 polymer 'ASPARTATE CARBAMOYLTRANSFERASE REGULATORY CHAIN'
3 branched alpha-D-glucopyranose-(1-4)-alpha-D-glucopyranose
4 non-polymer PHOSPHONOACETAMIDE
5 non-polymer 'ZINC ION'
6 non-polymer "CYTIDINE-5'-TRIPHOSPHATE"
#
loop_
_entity_poly.entity_id
_entity_poly.type
_entity_poly.pdbx_seq_one_letter_code
_entity_poly.pdbx_strand_id
1 'polypeptide(L)'
;ANPLYQKHIISINDLSRDDLNLVLATAAKLKANPQPELLKHKVIASCFFEASTRTRLSFQTSMHRLGASVVGFSDSANTS
LGKKGETLADTISVISTYVDAIVMRHPQEGAARLATEFSGNVPVLNAGDGSNQHPTQTLLDLFTIQQTEGRLDNLHVAMV
GDLKYGRTVHSLTQALAKFDGNRFYFIAPDALAMPEYILDMLDEKGIAWSLHSSIEEVMAEVDILYMTRVQKERLDPSEY
ANVKAQFVLRASDLHNAKANMKVLHPLPRVDEIATDVDKTPHAWYFQQAGNGIFARQALLALVLNRDLVL
;
A,C
2 'polypeptide(L)'
;MTHDNKLGVEAIKRGTVIDHIPAQIGFKLLSLFKLTETDQRITIGLNLPSGEMGRKDLIKIENTFLSEDQVDQLALYAPQ
ATVNRIDNYEVVGKSRPSLPERIDNVLVCPNSNCISHAEPVSSSFAVRKRANDIALKCKYCEKEFSHNVVLAN
;
B,D
#
loop_
_chem_comp.id
_chem_comp.type
_chem_comp.name
_chem_comp.formula
CTP non-polymer CYTIDINE-5'-TRIPHOSPHATE 'C9 H16 N3 O14 P3'
GLC D-saccharide, alpha linking alpha-D-glucopyranose 'C6 H12 O6'
PCT non-polymer PHOSPHONOACETAMIDE 'C2 H6 N O4 P'
ZN non-polymer 'ZINC ION' 'Zn 2'
#
# COMPACT_ATOMS: atom_id res chain seq x y z
N ALA A 1 -11.61 -28.80 -39.20
CA ALA A 1 -10.20 -28.58 -38.90
C ALA A 1 -9.97 -29.51 -37.70
N ASN A 2 -8.73 -29.90 -37.39
CA ASN A 2 -8.46 -30.87 -36.32
C ASN A 2 -8.84 -30.24 -34.99
N PRO A 3 -9.14 -30.99 -33.93
CA PRO A 3 -9.61 -30.48 -32.63
C PRO A 3 -8.93 -29.25 -32.04
N LEU A 4 -7.62 -29.11 -32.31
CA LEU A 4 -6.78 -28.09 -31.70
C LEU A 4 -6.40 -26.95 -32.64
N TYR A 5 -6.90 -26.89 -33.87
CA TYR A 5 -6.55 -25.79 -34.78
C TYR A 5 -6.95 -24.44 -34.16
N GLN A 6 -6.15 -23.35 -34.23
CA GLN A 6 -6.36 -22.06 -33.57
C GLN A 6 -6.73 -22.07 -32.11
N LYS A 7 -6.52 -23.21 -31.43
CA LYS A 7 -6.94 -23.34 -30.05
C LYS A 7 -5.86 -22.84 -29.05
N HIS A 8 -6.16 -21.98 -28.05
CA HIS A 8 -5.17 -21.57 -27.06
C HIS A 8 -4.73 -22.73 -26.19
N ILE A 9 -3.49 -22.86 -25.68
CA ILE A 9 -3.11 -23.98 -24.80
C ILE A 9 -2.60 -23.38 -23.48
N ILE A 10 -3.51 -23.13 -22.52
CA ILE A 10 -3.14 -22.47 -21.29
C ILE A 10 -3.03 -23.41 -20.09
N SER A 11 -3.90 -24.40 -19.87
CA SER A 11 -3.82 -25.31 -18.73
C SER A 11 -4.10 -26.74 -19.12
N ILE A 12 -3.47 -27.76 -18.55
CA ILE A 12 -3.82 -29.15 -18.83
C ILE A 12 -5.29 -29.41 -18.45
N ASN A 13 -5.77 -28.69 -17.45
CA ASN A 13 -7.16 -28.83 -17.05
C ASN A 13 -8.16 -28.42 -18.14
N ASP A 14 -7.81 -27.84 -19.28
CA ASP A 14 -8.82 -27.60 -20.30
C ASP A 14 -8.67 -28.66 -21.38
N LEU A 15 -7.73 -29.60 -21.38
CA LEU A 15 -7.63 -30.54 -22.47
C LEU A 15 -8.31 -31.83 -22.09
N SER A 16 -8.35 -32.81 -22.99
CA SER A 16 -9.05 -34.05 -22.74
C SER A 16 -8.06 -35.12 -23.09
N ARG A 17 -8.38 -36.35 -22.65
CA ARG A 17 -7.54 -37.51 -22.96
C ARG A 17 -7.40 -37.65 -24.48
N ASP A 18 -8.41 -37.19 -25.20
CA ASP A 18 -8.44 -37.24 -26.63
C ASP A 18 -7.45 -36.24 -27.19
N ASP A 19 -7.41 -34.99 -26.70
CA ASP A 19 -6.45 -34.00 -27.16
C ASP A 19 -5.00 -34.38 -26.92
N LEU A 20 -4.74 -34.89 -25.71
CA LEU A 20 -3.43 -35.26 -25.24
C LEU A 20 -2.99 -36.39 -26.11
N ASN A 21 -3.91 -37.31 -26.42
CA ASN A 21 -3.59 -38.46 -27.24
C ASN A 21 -3.28 -38.12 -28.68
N LEU A 22 -4.03 -37.13 -29.18
CA LEU A 22 -3.80 -36.62 -30.51
C LEU A 22 -2.40 -36.04 -30.55
N VAL A 23 -2.06 -35.08 -29.68
CA VAL A 23 -0.73 -34.46 -29.67
C VAL A 23 0.36 -35.51 -29.61
N LEU A 24 0.18 -36.62 -28.87
CA LEU A 24 1.23 -37.61 -28.85
C LEU A 24 1.27 -38.42 -30.13
N ALA A 25 0.13 -38.60 -30.77
CA ALA A 25 0.06 -39.35 -32.03
C ALA A 25 0.87 -38.66 -33.12
N THR A 26 0.61 -37.38 -33.21
CA THR A 26 1.25 -36.49 -34.14
C THR A 26 2.73 -36.41 -33.86
N ALA A 27 3.15 -36.38 -32.60
CA ALA A 27 4.55 -36.38 -32.22
C ALA A 27 5.29 -37.63 -32.69
N ALA A 28 4.60 -38.77 -32.54
CA ALA A 28 5.10 -40.07 -33.00
C ALA A 28 5.27 -40.10 -34.50
N LYS A 29 4.28 -39.48 -35.16
CA LYS A 29 4.29 -39.37 -36.61
C LYS A 29 5.41 -38.48 -37.11
N LEU A 30 5.49 -37.26 -36.59
CA LEU A 30 6.44 -36.26 -36.97
C LEU A 30 7.85 -36.70 -36.65
N LYS A 31 8.06 -37.42 -35.53
CA LYS A 31 9.39 -37.90 -35.21
C LYS A 31 9.86 -38.86 -36.31
N ALA A 32 8.93 -39.71 -36.74
CA ALA A 32 9.18 -40.62 -37.83
C ALA A 32 9.32 -39.83 -39.12
N ASN A 33 8.47 -38.84 -39.39
CA ASN A 33 8.52 -38.19 -40.67
C ASN A 33 8.34 -36.67 -40.64
N PRO A 34 9.50 -36.03 -40.63
CA PRO A 34 9.67 -34.60 -40.66
C PRO A 34 8.85 -33.91 -41.69
N GLN A 35 8.40 -32.69 -41.38
CA GLN A 35 7.63 -31.88 -42.30
C GLN A 35 8.26 -30.49 -42.39
N PRO A 36 9.39 -30.30 -43.10
CA PRO A 36 10.19 -29.07 -43.16
C PRO A 36 9.54 -27.74 -43.57
N GLU A 37 8.52 -27.81 -44.41
CA GLU A 37 7.89 -26.61 -44.87
C GLU A 37 6.56 -26.59 -44.17
N LEU A 38 6.24 -27.37 -43.13
CA LEU A 38 4.88 -27.41 -42.65
C LEU A 38 4.27 -26.07 -42.26
N LEU A 39 5.13 -25.20 -41.74
CA LEU A 39 4.72 -23.92 -41.28
C LEU A 39 5.49 -22.80 -41.96
N LYS A 40 6.00 -23.11 -43.17
CA LYS A 40 6.62 -22.16 -44.09
C LYS A 40 5.67 -20.96 -44.26
N HIS A 41 6.13 -19.72 -44.04
CA HIS A 41 5.33 -18.48 -44.08
C HIS A 41 4.55 -18.09 -42.84
N LYS A 42 4.81 -18.77 -41.72
CA LYS A 42 4.20 -18.46 -40.45
C LYS A 42 5.22 -17.73 -39.54
N VAL A 43 4.91 -16.62 -38.86
CA VAL A 43 5.82 -16.01 -37.88
C VAL A 43 5.24 -16.21 -36.47
N ILE A 44 5.98 -16.82 -35.51
CA ILE A 44 5.58 -17.05 -34.12
C ILE A 44 6.43 -16.15 -33.19
N ALA A 45 5.81 -15.57 -32.15
CA ALA A 45 6.50 -14.73 -31.18
C ALA A 45 7.00 -15.63 -30.07
N SER A 46 8.26 -15.54 -29.66
CA SER A 46 8.79 -16.25 -28.51
C SER A 46 8.92 -15.19 -27.41
N CYS A 47 8.01 -15.09 -26.47
CA CYS A 47 8.00 -14.04 -25.48
C CYS A 47 8.32 -14.58 -24.09
N PHE A 48 9.56 -14.57 -23.68
CA PHE A 48 9.88 -15.07 -22.35
C PHE A 48 10.23 -13.90 -21.48
N PHE A 49 9.32 -13.65 -20.57
CA PHE A 49 9.39 -12.66 -19.52
C PHE A 49 10.06 -13.33 -18.31
N GLU A 50 10.68 -14.51 -18.45
CA GLU A 50 11.25 -15.29 -17.37
C GLU A 50 12.32 -16.16 -18.03
N ALA A 51 13.36 -16.59 -17.30
CA ALA A 51 14.44 -17.44 -17.80
C ALA A 51 14.01 -18.81 -18.35
N SER A 52 14.80 -19.27 -19.31
CA SER A 52 14.57 -20.57 -19.90
C SER A 52 15.80 -20.93 -20.68
N THR A 53 16.11 -22.20 -20.67
CA THR A 53 17.07 -22.72 -21.60
C THR A 53 16.25 -23.69 -22.42
N ARG A 54 15.79 -24.82 -21.86
CA ARG A 54 14.93 -25.83 -22.47
C ARG A 54 13.68 -25.36 -23.22
N THR A 55 12.62 -24.85 -22.61
CA THR A 55 11.42 -24.41 -23.28
C THR A 55 11.66 -23.42 -24.40
N ARG A 56 12.41 -22.35 -24.17
CA ARG A 56 12.60 -21.39 -25.20
C ARG A 56 13.36 -21.98 -26.36
N LEU A 57 14.44 -22.76 -26.19
CA LEU A 57 15.18 -23.21 -27.35
C LEU A 57 14.56 -24.41 -28.03
N SER A 58 13.89 -25.32 -27.34
CA SER A 58 13.22 -26.46 -27.95
C SER A 58 12.10 -25.87 -28.79
N PHE A 59 11.31 -24.90 -28.27
CA PHE A 59 10.21 -24.27 -28.98
C PHE A 59 10.72 -23.58 -30.19
N GLN A 60 11.69 -22.70 -30.13
CA GLN A 60 12.22 -22.03 -31.30
C GLN A 60 12.87 -22.97 -32.30
N THR A 61 13.58 -24.04 -31.91
CA THR A 61 14.14 -25.00 -32.83
C THR A 61 12.97 -25.71 -33.51
N SER A 62 11.95 -26.22 -32.81
CA SER A 62 10.76 -26.81 -33.40
C SER A 62 10.10 -25.88 -34.42
N MET A 63 9.94 -24.58 -34.16
CA MET A 63 9.44 -23.60 -35.12
C MET A 63 10.29 -23.61 -36.37
N HIS A 64 11.63 -23.54 -36.21
CA HIS A 64 12.57 -23.57 -37.32
C HIS A 64 12.51 -24.87 -38.06
N ARG A 65 12.25 -25.99 -37.38
CA ARG A 65 12.24 -27.28 -38.03
C ARG A 65 10.94 -27.54 -38.78
N LEU A 66 9.99 -26.61 -38.74
CA LEU A 66 8.78 -26.68 -39.55
C LEU A 66 8.74 -25.51 -40.51
N GLY A 67 9.84 -24.81 -40.75
CA GLY A 67 9.84 -23.68 -41.67
C GLY A 67 9.30 -22.34 -41.15
N ALA A 68 9.12 -22.20 -39.83
CA ALA A 68 8.57 -20.97 -39.32
C ALA A 68 9.57 -19.87 -38.96
N SER A 69 9.11 -18.66 -38.73
CA SER A 69 9.96 -17.57 -38.34
C SER A 69 9.64 -17.15 -36.92
N VAL A 70 10.68 -16.82 -36.19
CA VAL A 70 10.52 -16.53 -34.79
C VAL A 70 10.90 -15.10 -34.61
N VAL A 71 10.09 -14.30 -33.88
CA VAL A 71 10.49 -12.97 -33.42
C VAL A 71 10.28 -13.00 -31.89
N GLY A 72 10.86 -12.14 -31.05
CA GLY A 72 10.51 -12.09 -29.63
C GLY A 72 11.58 -11.53 -28.72
N PHE A 73 11.59 -11.92 -27.47
CA PHE A 73 12.54 -11.44 -26.46
C PHE A 73 12.83 -12.47 -25.40
N SER A 74 14.07 -12.62 -24.97
CA SER A 74 14.41 -13.56 -23.90
C SER A 74 14.33 -12.95 -22.50
N ASP A 75 14.13 -11.63 -22.52
CA ASP A 75 14.10 -10.79 -21.38
C ASP A 75 13.11 -9.64 -21.61
N SER A 76 12.35 -9.26 -20.62
CA SER A 76 11.47 -8.11 -20.66
C SER A 76 12.21 -6.78 -20.46
N ALA A 77 13.45 -6.73 -19.98
CA ALA A 77 14.13 -5.49 -19.67
C ALA A 77 14.26 -4.42 -20.73
N ASN A 78 14.39 -4.84 -21.97
CA ASN A 78 14.44 -3.81 -22.96
C ASN A 78 13.21 -3.79 -23.87
N THR A 79 12.08 -4.25 -23.34
CA THR A 79 10.83 -4.10 -24.06
C THR A 79 10.30 -2.76 -23.51
N SER A 80 9.21 -2.17 -24.01
CA SER A 80 8.61 -0.94 -23.52
C SER A 80 7.79 -1.29 -22.29
N LEU A 81 7.32 -2.53 -22.10
CA LEU A 81 6.77 -2.98 -20.85
C LEU A 81 7.91 -2.81 -19.83
N GLY A 82 9.09 -3.36 -20.15
CA GLY A 82 10.26 -3.34 -19.32
C GLY A 82 10.81 -1.97 -18.97
N LYS A 83 10.82 -1.05 -19.94
CA LYS A 83 11.37 0.27 -19.70
C LYS A 83 10.41 1.43 -19.75
N LYS A 84 9.35 1.33 -20.57
CA LYS A 84 8.46 2.45 -20.72
C LYS A 84 7.15 2.25 -19.96
N GLY A 85 7.04 1.17 -19.17
CA GLY A 85 5.90 0.96 -18.29
C GLY A 85 4.61 0.56 -18.96
N GLU A 86 4.69 -0.27 -19.98
CA GLU A 86 3.49 -0.69 -20.69
C GLU A 86 2.75 -1.90 -20.12
N THR A 87 1.40 -1.97 -20.13
CA THR A 87 0.81 -3.17 -19.61
C THR A 87 0.96 -4.39 -20.52
N LEU A 88 0.97 -5.58 -19.89
CA LEU A 88 0.99 -6.85 -20.58
C LEU A 88 -0.12 -6.84 -21.58
N ALA A 89 -1.32 -6.47 -21.12
CA ALA A 89 -2.48 -6.35 -21.98
C ALA A 89 -2.21 -5.56 -23.28
N ASP A 90 -1.42 -4.51 -23.30
CA ASP A 90 -1.19 -3.79 -24.52
C ASP A 90 -0.05 -4.33 -25.37
N THR A 91 0.89 -4.98 -24.69
CA THR A 91 1.96 -5.74 -25.30
C THR A 91 1.27 -6.79 -26.16
N ILE A 92 0.31 -7.51 -25.56
CA ILE A 92 -0.38 -8.56 -26.25
C ILE A 92 -1.25 -7.93 -27.34
N SER A 93 -1.96 -6.83 -27.07
CA SER A 93 -2.71 -6.18 -28.10
C SER A 93 -1.85 -5.84 -29.31
N VAL A 94 -0.66 -5.21 -29.28
CA VAL A 94 0.06 -4.93 -30.51
C VAL A 94 0.72 -6.16 -31.14
N ILE A 95 1.27 -7.04 -30.29
CA ILE A 95 1.96 -8.21 -30.78
C ILE A 95 0.98 -9.14 -31.49
N SER A 96 -0.29 -9.13 -31.10
CA SER A 96 -1.31 -9.83 -31.88
C SER A 96 -1.41 -9.27 -33.29
N THR A 97 -1.20 -7.97 -33.58
CA THR A 97 -1.36 -7.49 -34.93
C THR A 97 -0.19 -7.88 -35.83
N TYR A 98 0.76 -8.72 -35.38
CA TYR A 98 1.99 -9.01 -36.09
C TYR A 98 2.24 -10.48 -36.35
N VAL A 99 1.98 -11.38 -35.42
CA VAL A 99 2.41 -12.74 -35.55
C VAL A 99 1.21 -13.66 -35.61
N ASP A 100 1.51 -14.91 -35.99
CA ASP A 100 0.48 -15.90 -36.16
C ASP A 100 0.22 -16.68 -34.90
N ALA A 101 1.16 -16.78 -33.97
CA ALA A 101 0.92 -17.46 -32.72
C ALA A 101 1.93 -16.81 -31.74
N ILE A 102 1.59 -16.85 -30.44
CA ILE A 102 2.37 -16.28 -29.32
C ILE A 102 2.76 -17.37 -28.33
N VAL A 103 4.03 -17.59 -28.01
CA VAL A 103 4.47 -18.56 -27.02
C VAL A 103 4.95 -17.63 -25.92
N MET A 104 4.47 -17.80 -24.72
CA MET A 104 4.76 -16.84 -23.68
C MET A 104 5.17 -17.45 -22.34
N ARG A 105 6.31 -17.11 -21.75
CA ARG A 105 6.63 -17.55 -20.39
C ARG A 105 6.52 -16.33 -19.48
N HIS A 106 5.76 -16.40 -18.40
CA HIS A 106 5.65 -15.24 -17.53
C HIS A 106 5.69 -15.62 -16.05
N PRO A 107 6.29 -14.73 -15.26
CA PRO A 107 6.38 -14.82 -13.81
C PRO A 107 5.13 -14.76 -12.92
N GLN A 108 4.06 -14.14 -13.41
CA GLN A 108 2.76 -14.12 -12.79
C GLN A 108 1.86 -15.28 -13.22
N GLU A 109 1.08 -15.80 -12.28
CA GLU A 109 0.15 -16.87 -12.64
C GLU A 109 -1.09 -16.20 -13.23
N GLY A 110 -1.40 -16.79 -14.38
CA GLY A 110 -2.56 -16.41 -15.18
C GLY A 110 -2.24 -15.48 -16.33
N ALA A 111 -0.95 -15.27 -16.56
CA ALA A 111 -0.50 -14.30 -17.55
C ALA A 111 -0.94 -14.66 -18.94
N ALA A 112 -0.98 -15.95 -19.20
CA ALA A 112 -1.37 -16.49 -20.49
C ALA A 112 -2.89 -16.42 -20.65
N ARG A 113 -3.70 -16.75 -19.64
CA ARG A 113 -5.14 -16.57 -19.72
C ARG A 113 -5.40 -15.08 -20.02
N LEU A 114 -4.75 -14.16 -19.28
CA LEU A 114 -4.86 -12.74 -19.53
C LEU A 114 -4.55 -12.45 -21.00
N ALA A 115 -3.50 -13.08 -21.51
CA ALA A 115 -3.09 -12.89 -22.88
C ALA A 115 -4.15 -13.36 -23.86
N THR A 116 -4.95 -14.39 -23.60
CA THR A 116 -5.93 -14.81 -24.60
C THR A 116 -7.10 -13.84 -24.70
N GLU A 117 -7.29 -12.93 -23.76
CA GLU A 117 -8.36 -11.98 -23.88
C GLU A 117 -7.96 -10.83 -24.76
N PHE A 118 -6.67 -10.72 -25.09
CA PHE A 118 -6.20 -9.61 -25.89
C PHE A 118 -5.52 -10.11 -27.15
N SER A 119 -5.18 -11.40 -27.30
CA SER A 119 -4.52 -11.88 -28.50
C SER A 119 -5.43 -11.92 -29.68
N GLY A 120 -6.71 -11.61 -29.50
CA GLY A 120 -7.67 -11.61 -30.60
C GLY A 120 -7.85 -13.04 -31.08
N ASN A 121 -7.62 -13.21 -32.35
CA ASN A 121 -7.76 -14.53 -32.94
C ASN A 121 -6.47 -15.33 -32.80
N VAL A 122 -5.37 -14.80 -32.26
CA VAL A 122 -4.06 -15.46 -32.28
C VAL A 122 -3.96 -16.49 -31.13
N PRO A 123 -3.54 -17.77 -31.24
CA PRO A 123 -3.40 -18.68 -30.10
C PRO A 123 -2.19 -18.29 -29.28
N VAL A 124 -2.42 -18.40 -27.97
CA VAL A 124 -1.42 -18.12 -26.94
C VAL A 124 -1.08 -19.50 -26.44
N LEU A 125 0.19 -19.84 -26.48
CA LEU A 125 0.68 -21.10 -25.97
C LEU A 125 1.43 -20.77 -24.68
N ASN A 126 0.93 -21.33 -23.59
CA ASN A 126 1.53 -21.11 -22.32
C ASN A 126 2.86 -21.84 -22.15
N ALA A 127 3.91 -21.04 -21.99
CA ALA A 127 5.21 -21.63 -21.72
C ALA A 127 5.54 -21.67 -20.22
N GLY A 128 4.60 -21.35 -19.32
CA GLY A 128 4.78 -21.48 -17.89
C GLY A 128 4.38 -20.15 -17.27
N ASP A 129 3.32 -20.15 -16.48
CA ASP A 129 2.92 -18.92 -15.80
C ASP A 129 3.11 -19.09 -14.29
N GLY A 130 4.31 -18.68 -13.82
CA GLY A 130 4.65 -18.71 -12.41
C GLY A 130 4.64 -20.14 -11.96
N SER A 131 3.89 -20.43 -10.92
CA SER A 131 3.83 -21.78 -10.39
C SER A 131 2.58 -22.47 -10.83
N ASN A 132 1.88 -22.00 -11.83
CA ASN A 132 0.64 -22.67 -12.14
C ASN A 132 0.80 -23.85 -13.15
N GLN A 133 0.75 -23.58 -14.45
CA GLN A 133 0.77 -24.59 -15.47
C GLN A 133 2.05 -24.55 -16.34
N HIS A 134 2.41 -25.71 -16.87
CA HIS A 134 3.45 -25.86 -17.87
C HIS A 134 2.94 -26.93 -18.86
N PRO A 135 1.93 -26.69 -19.75
CA PRO A 135 1.25 -27.76 -20.50
C PRO A 135 2.10 -28.46 -21.54
N THR A 136 3.07 -27.78 -22.13
CA THR A 136 4.03 -28.34 -23.08
C THR A 136 5.05 -29.29 -22.47
N GLN A 137 5.39 -29.02 -21.20
CA GLN A 137 6.31 -29.85 -20.44
C GLN A 137 5.64 -31.20 -20.36
N THR A 138 4.40 -31.15 -19.87
CA THR A 138 3.62 -32.36 -19.71
C THR A 138 3.43 -33.13 -21.01
N LEU A 139 3.21 -32.50 -22.16
CA LEU A 139 3.02 -33.29 -23.37
C LEU A 139 4.30 -34.02 -23.71
N LEU A 140 5.50 -33.48 -23.44
CA LEU A 140 6.71 -34.23 -23.70
C LEU A 140 6.96 -35.20 -22.55
N ASP A 141 6.40 -35.02 -21.35
CA ASP A 141 6.57 -36.01 -20.31
C ASP A 141 5.70 -37.19 -20.67
N LEU A 142 4.45 -36.97 -21.14
CA LEU A 142 3.58 -38.06 -21.58
C LEU A 142 4.23 -38.77 -22.77
N PHE A 143 4.85 -38.04 -23.71
CA PHE A 143 5.50 -38.68 -24.82
C PHE A 143 6.63 -39.58 -24.28
N THR A 144 7.45 -39.11 -23.34
CA THR A 144 8.53 -39.95 -22.84
C THR A 144 8.05 -41.12 -22.00
N ILE A 145 6.98 -40.96 -21.20
CA ILE A 145 6.42 -42.01 -20.34
C ILE A 145 5.84 -43.12 -21.24
N GLN A 146 5.02 -42.77 -22.24
CA GLN A 146 4.53 -43.74 -23.19
C GLN A 146 5.70 -44.35 -23.97
N GLN A 147 6.69 -43.60 -24.44
CA GLN A 147 7.88 -44.19 -25.05
C GLN A 147 8.51 -45.25 -24.13
N THR A 148 8.75 -44.98 -22.86
CA THR A 148 9.41 -45.97 -22.04
C THR A 148 8.45 -47.04 -21.52
N GLU A 149 7.35 -46.69 -20.88
CA GLU A 149 6.50 -47.71 -20.29
C GLU A 149 5.50 -48.35 -21.20
N GLY A 150 5.41 -47.88 -22.43
CA GLY A 150 4.44 -48.42 -23.36
C GLY A 150 3.00 -48.11 -23.01
N ARG A 151 2.71 -47.27 -22.01
CA ARG A 151 1.31 -46.94 -21.70
C ARG A 151 1.21 -45.71 -20.81
N LEU A 152 0.03 -45.09 -20.81
CA LEU A 152 -0.20 -43.94 -19.94
C LEU A 152 -1.23 -44.25 -18.85
N ASP A 153 -1.60 -45.53 -18.78
CA ASP A 153 -2.67 -46.04 -17.91
C ASP A 153 -1.99 -47.10 -17.04
N ASN A 154 -2.39 -47.22 -15.78
CA ASN A 154 -1.94 -48.23 -14.86
C ASN A 154 -0.46 -48.17 -14.52
N LEU A 155 -0.01 -46.92 -14.29
CA LEU A 155 1.37 -46.59 -13.95
C LEU A 155 1.50 -46.17 -12.50
N HIS A 156 2.59 -46.62 -11.87
CA HIS A 156 2.97 -46.23 -10.50
C HIS A 156 3.94 -45.05 -10.63
N VAL A 157 3.50 -43.86 -10.15
CA VAL A 157 4.21 -42.60 -10.35
C VAL A 157 4.51 -41.78 -9.06
N ALA A 158 5.81 -41.78 -8.76
CA ALA A 158 6.36 -41.08 -7.62
C ALA A 158 6.83 -39.67 -8.00
N MET A 159 6.22 -38.59 -7.49
CA MET A 159 6.62 -37.22 -7.79
C MET A 159 7.28 -36.70 -6.52
N VAL A 160 8.58 -36.50 -6.66
CA VAL A 160 9.44 -36.18 -5.55
C VAL A 160 9.81 -34.71 -5.57
N GLY A 161 9.83 -33.98 -4.44
CA GLY A 161 10.46 -32.67 -4.47
C GLY A 161 9.52 -31.57 -4.16
N ASP A 162 9.60 -30.49 -4.92
CA ASP A 162 8.77 -29.34 -4.64
C ASP A 162 7.48 -29.46 -5.41
N LEU A 163 6.48 -29.93 -4.68
CA LEU A 163 5.21 -30.18 -5.30
C LEU A 163 4.25 -28.99 -5.26
N LYS A 164 4.62 -27.95 -4.51
CA LYS A 164 3.80 -26.76 -4.37
C LYS A 164 3.93 -25.75 -5.51
N TYR A 165 5.16 -25.48 -5.95
CA TYR A 165 5.41 -24.47 -6.99
C TYR A 165 5.79 -25.13 -8.32
N GLY A 166 5.80 -26.46 -8.29
CA GLY A 166 6.11 -27.24 -9.44
C GLY A 166 4.95 -27.15 -10.42
N ARG A 167 4.96 -26.08 -11.25
CA ARG A 167 4.04 -25.89 -12.35
C ARG A 167 4.04 -27.17 -13.16
N THR A 168 5.20 -27.81 -13.31
CA THR A 168 5.32 -29.09 -13.98
C THR A 168 4.44 -30.25 -13.42
N VAL A 169 4.50 -30.49 -12.13
CA VAL A 169 3.75 -31.57 -11.50
C VAL A 169 2.29 -31.20 -11.32
N HIS A 170 1.91 -29.92 -11.27
CA HIS A 170 0.51 -29.46 -11.29
C HIS A 170 -0.20 -30.02 -12.54
N SER A 171 0.32 -29.60 -13.70
CA SER A 171 -0.06 -30.10 -15.03
C SER A 171 0.09 -31.61 -15.17
N LEU A 172 1.22 -32.24 -14.82
CA LEU A 172 1.39 -33.68 -15.03
C LEU A 172 0.45 -34.52 -14.16
N THR A 173 0.18 -34.19 -12.89
CA THR A 173 -0.78 -34.94 -12.09
C THR A 173 -2.15 -34.79 -12.73
N GLN A 174 -2.45 -33.61 -13.27
CA GLN A 174 -3.69 -33.45 -13.98
C GLN A 174 -3.66 -34.20 -15.32
N ALA A 175 -2.60 -34.37 -16.11
CA ALA A 175 -2.74 -35.09 -17.37
C ALA A 175 -2.95 -36.57 -17.05
N LEU A 176 -2.25 -37.09 -16.05
CA LEU A 176 -2.32 -38.52 -15.77
C LEU A 176 -3.58 -38.89 -15.04
N ALA A 177 -4.31 -37.98 -14.45
CA ALA A 177 -5.55 -38.35 -13.85
C ALA A 177 -6.67 -38.46 -14.90
N LYS A 178 -6.35 -38.33 -16.20
CA LYS A 178 -7.29 -38.54 -17.29
C LYS A 178 -7.33 -39.98 -17.83
N PHE A 179 -6.22 -40.68 -17.60
CA PHE A 179 -6.09 -42.09 -17.95
C PHE A 179 -6.44 -42.96 -16.74
N ASP A 180 -6.21 -44.27 -16.75
CA ASP A 180 -6.81 -45.09 -15.72
C ASP A 180 -5.81 -45.87 -14.91
N GLY A 181 -6.22 -46.02 -13.66
CA GLY A 181 -5.53 -46.86 -12.71
C GLY A 181 -4.06 -46.49 -12.48
N ASN A 182 -3.81 -45.17 -12.41
CA ASN A 182 -2.48 -44.64 -12.19
C ASN A 182 -2.44 -44.47 -10.69
N ARG A 183 -1.28 -44.74 -10.11
CA ARG A 183 -1.07 -44.74 -8.68
C ARG A 183 -0.12 -43.62 -8.30
N PHE A 184 -0.53 -42.70 -7.42
CA PHE A 184 0.36 -41.60 -7.12
C PHE A 184 1.03 -41.62 -5.75
N TYR A 185 2.35 -41.46 -5.73
CA TYR A 185 3.14 -41.38 -4.52
C TYR A 185 3.78 -39.99 -4.47
N PHE A 186 3.42 -39.17 -3.50
CA PHE A 186 3.84 -37.78 -3.38
C PHE A 186 4.75 -37.69 -2.20
N ILE A 187 5.96 -37.23 -2.52
CA ILE A 187 7.08 -37.12 -1.60
C ILE A 187 7.61 -35.69 -1.60
N ALA A 188 7.01 -34.78 -0.87
CA ALA A 188 7.53 -33.42 -0.83
C ALA A 188 7.96 -33.13 0.61
N PRO A 189 8.62 -32.04 1.00
CA PRO A 189 8.57 -31.55 2.36
C PRO A 189 7.15 -31.08 2.56
N ASP A 190 6.70 -30.99 3.80
CA ASP A 190 5.36 -30.53 4.10
C ASP A 190 5.12 -29.14 3.53
N ALA A 191 6.15 -28.30 3.64
CA ALA A 191 6.04 -26.90 3.18
C ALA A 191 5.72 -26.69 1.69
N LEU A 192 6.19 -27.64 0.91
CA LEU A 192 6.17 -27.54 -0.51
C LEU A 192 5.42 -28.74 -1.03
N ALA A 193 4.37 -29.08 -0.28
CA ALA A 193 3.57 -30.21 -0.61
C ALA A 193 2.55 -29.89 -1.72
N MET A 194 2.06 -30.95 -2.39
CA MET A 194 1.09 -30.83 -3.48
C MET A 194 -0.15 -30.02 -3.10
N PRO A 195 -0.58 -29.03 -3.90
CA PRO A 195 -1.79 -28.27 -3.67
C PRO A 195 -3.05 -29.09 -3.36
N GLU A 196 -3.85 -28.63 -2.41
CA GLU A 196 -5.10 -29.30 -2.04
C GLU A 196 -6.06 -29.52 -3.19
N TYR A 197 -6.15 -28.45 -3.99
CA TYR A 197 -7.07 -28.42 -5.09
C TYR A 197 -6.75 -29.54 -6.06
N ILE A 198 -5.48 -29.99 -6.12
CA ILE A 198 -5.07 -31.11 -6.95
C ILE A 198 -5.62 -32.40 -6.33
N LEU A 199 -5.40 -32.50 -5.02
CA LEU A 199 -5.75 -33.68 -4.24
C LEU A 199 -7.24 -33.99 -4.32
N ASP A 200 -8.04 -32.90 -4.23
CA ASP A 200 -9.50 -32.93 -4.34
C ASP A 200 -9.96 -33.56 -5.62
N MET A 201 -9.30 -33.15 -6.70
CA MET A 201 -9.59 -33.65 -8.03
C MET A 201 -9.26 -35.12 -8.10
N LEU A 202 -8.20 -35.54 -7.38
CA LEU A 202 -7.81 -36.94 -7.35
C LEU A 202 -8.84 -37.76 -6.59
N ASP A 203 -9.32 -37.15 -5.49
CA ASP A 203 -10.33 -37.73 -4.63
C ASP A 203 -11.63 -37.95 -5.37
N GLU A 204 -12.23 -36.89 -5.94
CA GLU A 204 -13.39 -37.03 -6.78
C GLU A 204 -13.09 -38.09 -7.85
N LYS A 205 -12.05 -38.09 -8.68
CA LYS A 205 -11.89 -39.16 -9.65
C LYS A 205 -11.58 -40.52 -9.01
N GLY A 206 -11.42 -40.55 -7.69
CA GLY A 206 -11.18 -41.78 -6.98
C GLY A 206 -9.86 -42.40 -7.40
N ILE A 207 -8.84 -41.56 -7.63
CA ILE A 207 -7.51 -42.03 -7.95
C ILE A 207 -6.84 -42.35 -6.60
N ALA A 208 -6.07 -43.44 -6.52
CA ALA A 208 -5.38 -43.73 -5.30
C ALA A 208 -4.10 -42.91 -5.25
N TRP A 209 -3.92 -42.07 -4.24
CA TRP A 209 -2.65 -41.38 -4.05
C TRP A 209 -2.13 -41.70 -2.64
N SER A 210 -0.85 -41.55 -2.29
CA SER A 210 -0.39 -41.74 -0.91
C SER A 210 0.85 -40.88 -0.66
N LEU A 211 1.11 -40.42 0.57
CA LEU A 211 2.30 -39.58 0.84
C LEU A 211 3.40 -40.40 1.47
N HIS A 212 4.64 -40.27 0.99
CA HIS A 212 5.76 -41.05 1.50
C HIS A 212 6.92 -40.20 1.99
N SER A 213 7.63 -40.63 3.03
CA SER A 213 8.76 -39.82 3.49
C SER A 213 10.06 -40.34 2.89
N SER A 214 10.00 -41.20 1.87
CA SER A 214 11.23 -41.74 1.31
C SER A 214 11.05 -42.34 -0.06
N ILE A 215 12.16 -42.19 -0.82
CA ILE A 215 12.27 -42.81 -2.12
C ILE A 215 12.35 -44.32 -1.90
N GLU A 216 13.03 -44.81 -0.87
CA GLU A 216 13.22 -46.25 -0.62
C GLU A 216 11.87 -46.94 -0.39
N GLU A 217 10.98 -46.26 0.32
CA GLU A 217 9.65 -46.75 0.57
C GLU A 217 8.92 -47.06 -0.72
N VAL A 218 9.19 -46.28 -1.79
CA VAL A 218 8.46 -46.52 -3.01
C VAL A 218 9.29 -47.06 -4.14
N MET A 219 10.61 -47.17 -3.96
CA MET A 219 11.52 -47.52 -5.05
C MET A 219 11.21 -48.80 -5.82
N ALA A 220 10.94 -49.86 -5.05
CA ALA A 220 10.67 -51.20 -5.58
C ALA A 220 9.39 -51.35 -6.37
N GLU A 221 8.47 -50.48 -6.00
CA GLU A 221 7.09 -50.43 -6.47
C GLU A 221 6.82 -49.60 -7.74
N VAL A 222 7.54 -48.47 -7.96
CA VAL A 222 7.27 -47.51 -9.04
C VAL A 222 7.77 -47.80 -10.45
N ASP A 223 7.15 -47.11 -11.40
CA ASP A 223 7.58 -47.22 -12.77
C ASP A 223 8.27 -45.97 -13.28
N ILE A 224 7.84 -44.81 -12.77
CA ILE A 224 8.35 -43.51 -13.17
C ILE A 224 8.60 -42.83 -11.85
N LEU A 225 9.86 -42.47 -11.65
CA LEU A 225 10.27 -41.71 -10.49
C LEU A 225 10.51 -40.34 -11.11
N TYR A 226 9.63 -39.35 -10.92
CA TYR A 226 9.76 -38.03 -11.53
C TYR A 226 10.16 -37.02 -10.45
N MET A 227 11.41 -36.59 -10.58
CA MET A 227 12.08 -35.64 -9.70
C MET A 227 11.94 -34.17 -10.10
N THR A 228 11.88 -33.28 -9.11
CA THR A 228 11.72 -31.87 -9.36
C THR A 228 12.76 -31.05 -8.63
N ARG A 229 12.85 -29.77 -8.95
CA ARG A 229 13.73 -28.78 -8.33
C ARG A 229 12.96 -27.90 -7.34
N VAL A 230 13.56 -27.50 -6.21
CA VAL A 230 12.99 -26.51 -5.30
C VAL A 230 13.10 -25.22 -6.11
N GLN A 231 11.93 -24.62 -6.36
CA GLN A 231 11.76 -23.43 -7.19
C GLN A 231 12.16 -22.27 -6.34
N LYS A 232 13.46 -22.21 -6.15
CA LYS A 232 14.14 -21.27 -5.28
C LYS A 232 13.60 -19.84 -5.40
N GLU A 233 13.57 -19.36 -6.62
CA GLU A 233 13.02 -18.07 -6.98
C GLU A 233 11.60 -17.80 -6.50
N ARG A 234 10.78 -18.82 -6.36
CA ARG A 234 9.38 -18.64 -6.03
C ARG A 234 9.11 -18.80 -4.55
N LEU A 235 10.10 -19.16 -3.76
CA LEU A 235 9.88 -19.30 -2.34
C LEU A 235 9.80 -18.00 -1.54
N ASP A 236 8.98 -18.16 -0.53
CA ASP A 236 8.80 -17.20 0.51
C ASP A 236 10.03 -17.28 1.39
N PRO A 237 10.44 -16.20 2.06
CA PRO A 237 11.52 -16.20 3.04
C PRO A 237 11.26 -17.11 4.21
N SER A 238 9.99 -17.19 4.61
CA SER A 238 9.59 -18.17 5.58
C SER A 238 10.02 -19.57 5.16
N GLU A 239 9.90 -19.86 3.84
CA GLU A 239 10.18 -21.16 3.27
C GLU A 239 11.62 -21.54 3.02
N TYR A 240 12.57 -20.65 3.32
CA TYR A 240 13.98 -20.85 3.02
C TYR A 240 14.74 -21.89 3.81
N ALA A 241 13.97 -22.55 4.68
CA ALA A 241 14.37 -23.79 5.34
C ALA A 241 14.55 -24.90 4.31
N ASN A 242 13.68 -24.90 3.28
CA ASN A 242 13.63 -25.91 2.22
C ASN A 242 14.36 -25.54 0.92
N VAL A 243 15.34 -24.64 0.91
CA VAL A 243 16.06 -24.34 -0.32
C VAL A 243 16.85 -25.55 -0.84
N LYS A 244 17.28 -26.46 0.04
CA LYS A 244 18.03 -27.62 -0.43
C LYS A 244 17.13 -28.84 -0.58
N ALA A 245 17.64 -29.73 -1.43
CA ALA A 245 16.90 -30.93 -1.80
C ALA A 245 16.84 -31.84 -0.60
N GLN A 246 15.64 -32.01 -0.04
CA GLN A 246 15.45 -32.94 1.07
C GLN A 246 15.76 -34.32 0.52
N PHE A 247 15.12 -34.68 -0.55
CA PHE A 247 15.30 -36.02 -1.04
C PHE A 247 16.32 -35.86 -2.14
N VAL A 248 17.55 -36.35 -1.96
CA VAL A 248 18.57 -36.37 -3.02
C VAL A 248 18.71 -37.80 -3.53
N LEU A 249 18.84 -38.08 -4.81
CA LEU A 249 18.92 -39.43 -5.29
C LEU A 249 20.31 -39.77 -5.79
N ARG A 250 20.88 -40.93 -5.44
CA ARG A 250 22.17 -41.41 -5.96
C ARG A 250 21.95 -42.81 -6.53
N ALA A 251 22.91 -43.28 -7.34
CA ALA A 251 22.81 -44.57 -8.01
C ALA A 251 22.61 -45.78 -7.09
N SER A 252 23.16 -45.75 -5.88
CA SER A 252 23.00 -46.80 -4.88
C SER A 252 21.55 -47.15 -4.61
N ASP A 253 20.73 -46.09 -4.64
CA ASP A 253 19.32 -46.12 -4.30
C ASP A 253 18.54 -46.96 -5.30
N LEU A 254 19.05 -46.95 -6.52
CA LEU A 254 18.38 -47.72 -7.53
C LEU A 254 18.53 -49.21 -7.30
N HIS A 255 19.27 -49.68 -6.28
CA HIS A 255 19.48 -51.10 -6.03
C HIS A 255 18.21 -51.97 -6.12
N ASN A 256 17.16 -51.52 -5.44
CA ASN A 256 15.90 -52.24 -5.41
C ASN A 256 14.91 -51.58 -6.36
N ALA A 257 15.43 -51.14 -7.52
CA ALA A 257 14.60 -50.58 -8.58
C ALA A 257 14.22 -51.58 -9.67
N LYS A 258 12.90 -51.58 -9.84
CA LYS A 258 12.12 -52.29 -10.84
C LYS A 258 12.78 -52.04 -12.19
N ALA A 259 13.01 -53.08 -12.98
CA ALA A 259 13.92 -52.91 -14.09
C ALA A 259 13.41 -52.13 -15.25
N ASN A 260 12.19 -51.66 -15.16
CA ASN A 260 11.53 -50.90 -16.21
C ASN A 260 11.50 -49.42 -15.87
N MET A 261 11.73 -49.16 -14.59
CA MET A 261 11.58 -47.82 -14.08
C MET A 261 12.57 -46.86 -14.70
N LYS A 262 12.05 -45.64 -14.87
CA LYS A 262 12.79 -44.52 -15.39
C LYS A 262 12.65 -43.37 -14.42
N VAL A 263 13.81 -42.72 -14.30
CA VAL A 263 14.00 -41.48 -13.55
C VAL A 263 13.77 -40.35 -14.54
N LEU A 264 12.82 -39.49 -14.27
CA LEU A 264 12.53 -38.37 -15.11
C LEU A 264 12.75 -37.10 -14.30
N HIS A 265 13.14 -36.01 -14.94
CA HIS A 265 13.29 -34.70 -14.29
C HIS A 265 13.03 -33.65 -15.37
N PRO A 266 12.17 -32.62 -15.17
CA PRO A 266 11.95 -31.54 -16.13
C PRO A 266 13.16 -30.71 -16.50
N LEU A 267 14.07 -30.65 -15.51
CA LEU A 267 15.37 -29.99 -15.43
C LEU A 267 15.23 -28.49 -15.50
N PRO A 268 16.12 -27.63 -14.94
CA PRO A 268 17.39 -28.02 -14.32
C PRO A 268 17.27 -28.85 -13.04
N ARG A 269 18.21 -29.79 -12.94
CA ARG A 269 18.35 -30.56 -11.71
C ARG A 269 19.43 -29.80 -10.96
N VAL A 270 19.32 -29.52 -9.66
CA VAL A 270 20.47 -28.94 -9.04
C VAL A 270 21.18 -30.02 -8.21
N ASP A 271 20.83 -30.24 -6.97
CA ASP A 271 21.54 -31.21 -6.17
C ASP A 271 20.81 -32.53 -5.96
N GLU A 272 19.56 -32.57 -6.35
CA GLU A 272 18.68 -33.70 -6.13
C GLU A 272 18.94 -34.96 -6.93
N ILE A 273 19.71 -34.93 -8.04
CA ILE A 273 19.98 -36.15 -8.80
C ILE A 273 21.48 -36.15 -9.08
N ALA A 274 22.12 -37.00 -8.29
CA ALA A 274 23.55 -37.12 -8.23
C ALA A 274 24.08 -37.52 -9.55
N THR A 275 25.21 -37.03 -10.01
CA THR A 275 25.69 -37.34 -11.35
C THR A 275 26.01 -38.79 -11.61
N ASP A 276 26.10 -39.64 -10.60
CA ASP A 276 26.31 -41.07 -10.81
C ASP A 276 25.05 -41.71 -11.38
N VAL A 277 23.84 -41.21 -11.11
CA VAL A 277 22.59 -41.71 -11.72
C VAL A 277 22.71 -41.63 -13.24
N ASP A 278 23.50 -40.68 -13.73
CA ASP A 278 23.69 -40.46 -15.15
C ASP A 278 24.19 -41.62 -15.95
N LYS A 279 24.71 -42.64 -15.29
CA LYS A 279 25.18 -43.78 -15.99
C LYS A 279 24.29 -44.97 -15.74
N THR A 280 23.14 -44.83 -15.07
CA THR A 280 22.35 -46.03 -14.79
C THR A 280 21.39 -46.23 -15.93
N PRO A 281 20.95 -47.47 -16.22
CA PRO A 281 19.88 -47.76 -17.16
C PRO A 281 18.61 -46.94 -16.98
N HIS A 282 18.43 -46.62 -15.71
CA HIS A 282 17.28 -45.87 -15.28
C HIS A 282 17.17 -44.41 -15.68
N ALA A 283 18.28 -43.68 -15.78
CA ALA A 283 18.27 -42.25 -15.99
C ALA A 283 17.77 -41.96 -17.40
N TRP A 284 16.74 -41.11 -17.50
CA TRP A 284 16.08 -40.81 -18.78
C TRP A 284 15.75 -39.33 -19.09
N TYR A 285 16.23 -38.45 -18.17
CA TYR A 285 15.91 -37.03 -18.21
C TYR A 285 16.47 -36.20 -19.37
N PHE A 286 17.58 -36.66 -19.95
CA PHE A 286 18.12 -35.98 -21.11
C PHE A 286 17.41 -36.45 -22.37
N GLN A 287 16.84 -37.64 -22.33
CA GLN A 287 16.10 -38.15 -23.46
C GLN A 287 14.74 -37.49 -23.46
N GLN A 288 14.23 -37.37 -22.25
CA GLN A 288 13.04 -36.61 -21.97
C GLN A 288 13.19 -35.19 -22.54
N ALA A 289 14.30 -34.49 -22.29
CA ALA A 289 14.57 -33.17 -22.84
C ALA A 289 14.47 -33.17 -24.36
N GLY A 290 15.20 -34.07 -25.03
CA GLY A 290 15.17 -34.11 -26.48
C GLY A 290 13.77 -34.35 -27.07
N ASN A 291 12.95 -35.10 -26.29
CA ASN A 291 11.59 -35.40 -26.65
C ASN A 291 10.73 -34.17 -26.72
N GLY A 292 11.24 -33.04 -26.20
CA GLY A 292 10.64 -31.74 -26.35
C GLY A 292 10.49 -31.32 -27.81
N ILE A 293 11.41 -31.66 -28.70
CA ILE A 293 11.30 -31.23 -30.09
C ILE A 293 10.06 -31.81 -30.79
N PHE A 294 9.83 -33.09 -30.57
CA PHE A 294 8.73 -33.80 -31.19
C PHE A 294 7.40 -33.31 -30.65
N ALA A 295 7.17 -33.34 -29.34
CA ALA A 295 5.95 -32.84 -28.72
C ALA A 295 5.66 -31.39 -29.02
N ARG A 296 6.69 -30.57 -29.01
CA ARG A 296 6.57 -29.16 -29.32
C ARG A 296 6.18 -28.95 -30.80
N GLN A 297 6.87 -29.51 -31.81
CA GLN A 297 6.42 -29.30 -33.17
C GLN A 297 5.09 -29.99 -33.50
N ALA A 298 4.65 -31.06 -32.81
CA ALA A 298 3.35 -31.67 -33.02
C ALA A 298 2.27 -30.69 -32.59
N LEU A 299 2.48 -29.98 -31.48
CA LEU A 299 1.55 -28.96 -30.96
C LEU A 299 1.33 -27.78 -31.91
N LEU A 300 2.47 -27.25 -32.39
CA LEU A 300 2.51 -26.13 -33.31
C LEU A 300 1.75 -26.40 -34.59
N ALA A 301 2.02 -27.61 -35.09
CA ALA A 301 1.45 -28.13 -36.30
C ALA A 301 -0.07 -28.19 -36.17
N LEU A 302 -0.59 -28.77 -35.05
CA LEU A 302 -2.02 -28.93 -34.78
C LEU A 302 -2.69 -27.60 -34.60
N VAL A 303 -2.12 -26.68 -33.83
CA VAL A 303 -2.73 -25.37 -33.62
C VAL A 303 -2.64 -24.49 -34.88
N LEU A 304 -1.63 -24.65 -35.73
CA LEU A 304 -1.58 -23.79 -36.90
C LEU A 304 -1.98 -24.46 -38.19
N ASN A 305 -2.28 -25.75 -38.19
CA ASN A 305 -2.74 -26.38 -39.42
C ASN A 305 -4.10 -26.98 -39.21
N ARG A 306 -5.03 -26.77 -40.15
CA ARG A 306 -6.33 -27.41 -40.04
C ARG A 306 -6.16 -28.92 -40.21
N ASP A 307 -5.47 -29.28 -41.29
CA ASP A 307 -5.35 -30.67 -41.68
C ASP A 307 -4.40 -31.42 -40.80
N LEU A 308 -4.98 -32.42 -40.13
CA LEU A 308 -4.22 -33.33 -39.27
C LEU A 308 -3.00 -33.86 -40.06
N VAL A 309 -1.78 -33.80 -39.46
CA VAL A 309 -0.64 -34.41 -40.13
C VAL A 309 -0.70 -35.92 -39.89
N LEU A 310 -1.26 -36.26 -41.06
CA LEU A 310 -1.54 -37.53 -41.72
C LEU A 310 -1.99 -38.65 -40.81
N GLY B 8 -43.69 -0.35 10.24
CA GLY B 8 -42.66 -1.37 10.34
C GLY B 8 -42.27 -1.43 8.90
N VAL B 9 -41.06 -0.95 8.57
CA VAL B 9 -40.61 -0.78 7.18
C VAL B 9 -41.67 -0.05 6.34
N GLU B 10 -42.13 -0.42 5.13
CA GLU B 10 -42.91 0.49 4.28
C GLU B 10 -43.77 -0.14 3.20
N ALA B 11 -44.77 0.62 2.73
CA ALA B 11 -45.59 0.25 1.58
C ALA B 11 -44.77 0.51 0.31
N ILE B 12 -44.74 -0.32 -0.75
CA ILE B 12 -43.90 0.02 -1.92
C ILE B 12 -44.64 -0.32 -3.17
N LYS B 13 -44.69 0.64 -4.10
CA LYS B 13 -45.35 0.38 -5.37
C LYS B 13 -44.56 -0.55 -6.27
N ARG B 14 -43.39 -0.17 -6.77
CA ARG B 14 -42.67 -1.02 -7.72
C ARG B 14 -41.19 -1.09 -7.40
N GLY B 15 -40.63 -2.29 -7.52
CA GLY B 15 -39.22 -2.52 -7.37
C GLY B 15 -38.88 -3.97 -7.01
N THR B 16 -37.86 -4.06 -6.15
CA THR B 16 -37.36 -5.30 -5.61
C THR B 16 -37.30 -5.22 -4.08
N VAL B 17 -37.81 -6.23 -3.36
CA VAL B 17 -37.69 -6.32 -1.92
C VAL B 17 -36.92 -7.60 -1.64
N ILE B 18 -35.62 -7.57 -1.30
CA ILE B 18 -34.94 -8.79 -0.92
C ILE B 18 -35.44 -8.91 0.50
N ASP B 19 -36.16 -10.00 0.74
CA ASP B 19 -36.72 -10.27 2.04
C ASP B 19 -36.08 -11.53 2.56
N HIS B 20 -36.17 -11.66 3.89
CA HIS B 20 -35.56 -12.71 4.69
C HIS B 20 -34.02 -12.77 4.67
N ILE B 21 -33.34 -11.61 4.77
CA ILE B 21 -31.89 -11.64 4.76
C ILE B 21 -31.54 -11.95 6.21
N PRO B 22 -30.71 -12.97 6.45
CA PRO B 22 -30.09 -13.20 7.74
C PRO B 22 -29.53 -11.94 8.39
N ALA B 23 -29.82 -11.74 9.70
CA ALA B 23 -29.22 -10.67 10.47
C ALA B 23 -27.69 -10.76 10.44
N GLN B 24 -27.15 -9.55 10.24
CA GLN B 24 -25.76 -9.23 9.98
C GLN B 24 -25.39 -9.31 8.49
N ILE B 25 -26.14 -9.97 7.63
CA ILE B 25 -25.75 -10.08 6.24
C ILE B 25 -26.34 -8.98 5.36
N GLY B 26 -27.35 -8.27 5.85
CA GLY B 26 -28.01 -7.20 5.12
C GLY B 26 -27.09 -6.00 4.86
N PHE B 27 -26.27 -5.58 5.83
CA PHE B 27 -25.38 -4.47 5.51
C PHE B 27 -24.30 -4.89 4.51
N LYS B 28 -23.78 -6.11 4.76
CA LYS B 28 -22.74 -6.72 3.95
C LYS B 28 -23.16 -6.80 2.49
N LEU B 29 -24.35 -7.29 2.15
CA LEU B 29 -24.87 -7.30 0.79
C LEU B 29 -24.95 -5.92 0.16
N LEU B 30 -25.48 -4.93 0.87
CA LEU B 30 -25.65 -3.56 0.41
C LEU B 30 -24.33 -2.86 0.06
N SER B 31 -23.27 -3.32 0.72
CA SER B 31 -21.93 -2.88 0.39
C SER B 31 -21.22 -3.78 -0.61
N LEU B 32 -21.39 -5.10 -0.63
CA LEU B 32 -20.76 -5.94 -1.64
C LEU B 32 -21.27 -5.68 -3.04
N PHE B 33 -22.58 -5.64 -3.27
CA PHE B 33 -23.10 -5.38 -4.61
C PHE B 33 -23.46 -3.94 -4.43
N LYS B 34 -23.02 -3.00 -5.26
CA LYS B 34 -23.27 -1.56 -5.09
C LYS B 34 -24.72 -1.05 -4.94
N LEU B 35 -25.57 -1.69 -4.16
CA LEU B 35 -27.00 -1.43 -4.10
C LEU B 35 -27.31 0.01 -3.72
N THR B 36 -26.62 0.55 -2.72
CA THR B 36 -26.79 1.93 -2.31
C THR B 36 -26.47 2.95 -3.40
N GLU B 37 -25.54 2.68 -4.31
CA GLU B 37 -25.14 3.67 -5.30
C GLU B 37 -26.23 3.74 -6.34
N THR B 38 -27.25 4.50 -5.97
CA THR B 38 -28.47 4.65 -6.74
C THR B 38 -29.00 6.03 -6.41
N ASP B 39 -30.15 6.40 -6.99
CA ASP B 39 -30.86 7.62 -6.58
C ASP B 39 -32.32 7.27 -6.22
N GLN B 40 -32.44 5.96 -6.02
CA GLN B 40 -33.72 5.38 -5.70
C GLN B 40 -33.80 5.38 -4.17
N ARG B 41 -35.06 5.42 -3.73
CA ARG B 41 -35.42 5.36 -2.33
C ARG B 41 -35.13 3.91 -1.91
N ILE B 42 -34.24 3.69 -0.95
CA ILE B 42 -34.03 2.36 -0.46
C ILE B 42 -34.49 2.45 0.98
N THR B 43 -35.02 1.41 1.59
CA THR B 43 -35.44 1.45 2.96
C THR B 43 -35.04 0.11 3.51
N ILE B 44 -34.14 0.17 4.46
CA ILE B 44 -33.57 -1.05 4.95
C ILE B 44 -34.04 -1.15 6.37
N GLY B 45 -34.41 -2.34 6.75
CA GLY B 45 -34.83 -2.62 8.10
C GLY B 45 -33.89 -3.68 8.64
N LEU B 46 -33.04 -3.29 9.57
CA LEU B 46 -32.17 -4.27 10.15
C LEU B 46 -32.69 -4.66 11.52
N ASN B 47 -32.45 -5.96 11.73
CA ASN B 47 -32.74 -6.69 12.96
C ASN B 47 -34.25 -6.69 13.23
N LEU B 48 -35.02 -7.10 12.22
CA LEU B 48 -36.47 -7.17 12.41
C LEU B 48 -36.74 -8.57 12.99
N PRO B 49 -37.84 -8.73 13.75
CA PRO B 49 -38.28 -10.02 14.26
C PRO B 49 -38.94 -10.78 13.13
N SER B 50 -38.63 -12.06 13.17
CA SER B 50 -39.07 -12.99 12.16
C SER B 50 -39.89 -14.17 12.66
N GLY B 51 -39.49 -14.82 13.76
CA GLY B 51 -40.17 -16.04 14.19
C GLY B 51 -39.44 -17.19 13.48
N GLU B 52 -39.53 -17.18 12.14
CA GLU B 52 -38.84 -18.06 11.19
C GLU B 52 -37.37 -18.19 11.65
N MET B 53 -36.63 -17.09 11.65
CA MET B 53 -35.35 -16.99 12.35
C MET B 53 -35.76 -16.05 13.48
N GLY B 54 -34.97 -15.89 14.51
CA GLY B 54 -35.25 -14.85 15.49
C GLY B 54 -35.27 -13.51 14.75
N ARG B 55 -34.12 -13.14 14.22
CA ARG B 55 -33.99 -11.89 13.51
C ARG B 55 -33.60 -12.09 12.04
N LYS B 56 -34.09 -11.11 11.29
CA LYS B 56 -33.81 -11.01 9.87
C LYS B 56 -33.39 -9.56 9.59
N ASP B 57 -33.12 -9.29 8.31
CA ASP B 57 -32.83 -8.00 7.72
C ASP B 57 -33.65 -7.99 6.44
N LEU B 58 -33.89 -6.82 5.84
CA LEU B 58 -34.71 -6.70 4.65
C LEU B 58 -34.30 -5.49 3.81
N ILE B 59 -34.23 -5.55 2.49
CA ILE B 59 -33.93 -4.34 1.74
C ILE B 59 -35.00 -4.14 0.66
N LYS B 60 -35.53 -2.94 0.55
CA LYS B 60 -36.52 -2.64 -0.47
C LYS B 60 -35.85 -1.55 -1.23
N ILE B 61 -35.70 -1.85 -2.51
CA ILE B 61 -35.08 -0.94 -3.45
C ILE B 61 -36.22 -0.58 -4.38
N GLU B 62 -36.61 0.68 -4.40
CA GLU B 62 -37.71 1.09 -5.21
C GLU B 62 -37.31 1.40 -6.65
N ASN B 63 -38.11 0.91 -7.59
CA ASN B 63 -38.00 1.10 -9.03
C ASN B 63 -36.67 0.56 -9.49
N THR B 64 -36.40 -0.68 -9.12
CA THR B 64 -35.14 -1.30 -9.48
C THR B 64 -35.50 -2.76 -9.49
N PHE B 65 -35.00 -3.46 -10.52
CA PHE B 65 -35.27 -4.87 -10.71
C PHE B 65 -33.90 -5.54 -10.84
N LEU B 66 -33.71 -6.74 -10.26
CA LEU B 66 -32.43 -7.40 -10.38
C LEU B 66 -32.49 -8.49 -11.46
N SER B 67 -31.39 -8.69 -12.17
CA SER B 67 -31.31 -9.74 -13.16
C SER B 67 -31.15 -11.08 -12.46
N GLU B 68 -31.33 -12.18 -13.19
CA GLU B 68 -31.17 -13.54 -12.69
C GLU B 68 -29.81 -13.81 -12.02
N ASP B 69 -28.72 -13.43 -12.68
CA ASP B 69 -27.40 -13.62 -12.08
C ASP B 69 -27.20 -12.74 -10.85
N GLN B 70 -27.81 -11.55 -10.88
CA GLN B 70 -27.71 -10.57 -9.79
C GLN B 70 -28.23 -11.19 -8.51
N VAL B 71 -29.41 -11.79 -8.65
CA VAL B 71 -30.07 -12.47 -7.56
C VAL B 71 -29.27 -13.69 -7.09
N ASP B 72 -28.63 -14.42 -8.00
CA ASP B 72 -27.92 -15.60 -7.60
C ASP B 72 -26.64 -15.33 -6.87
N GLN B 73 -26.04 -14.17 -7.16
CA GLN B 73 -24.84 -13.74 -6.46
C GLN B 73 -25.07 -13.66 -4.94
N LEU B 74 -26.32 -13.30 -4.61
CA LEU B 74 -26.75 -13.20 -3.24
C LEU B 74 -26.57 -14.55 -2.58
N ALA B 75 -26.71 -15.72 -3.24
CA ALA B 75 -26.55 -17.01 -2.57
C ALA B 75 -25.23 -17.18 -1.81
N LEU B 76 -24.24 -16.33 -2.10
CA LEU B 76 -22.96 -16.42 -1.44
C LEU B 76 -22.98 -15.86 -0.03
N TYR B 77 -24.05 -15.16 0.31
CA TYR B 77 -24.16 -14.59 1.63
C TYR B 77 -25.57 -14.80 2.12
N ALA B 78 -26.55 -14.78 1.23
CA ALA B 78 -27.95 -14.91 1.59
C ALA B 78 -28.69 -15.92 0.70
N PRO B 79 -28.41 -17.23 0.84
CA PRO B 79 -29.10 -18.26 0.07
C PRO B 79 -30.60 -18.34 0.38
N GLN B 80 -31.00 -18.26 1.67
CA GLN B 80 -32.42 -18.30 2.08
C GLN B 80 -33.19 -16.98 1.91
N ALA B 81 -32.71 -16.07 1.07
CA ALA B 81 -33.42 -14.83 0.92
C ALA B 81 -34.49 -15.13 -0.12
N THR B 82 -35.48 -14.27 -0.19
CA THR B 82 -36.52 -14.38 -1.20
C THR B 82 -36.49 -13.02 -1.95
N VAL B 83 -36.27 -13.07 -3.25
CA VAL B 83 -36.15 -11.83 -3.98
C VAL B 83 -37.51 -11.69 -4.64
N ASN B 84 -38.12 -10.64 -4.12
CA ASN B 84 -39.48 -10.36 -4.50
C ASN B 84 -39.56 -9.23 -5.47
N ARG B 85 -40.20 -9.54 -6.59
CA ARG B 85 -40.43 -8.62 -7.68
C ARG B 85 -41.82 -8.07 -7.40
N ILE B 86 -41.94 -6.76 -7.38
CA ILE B 86 -43.22 -6.11 -7.11
C ILE B 86 -43.35 -5.09 -8.22
N ASP B 87 -44.54 -5.13 -8.80
CA ASP B 87 -44.93 -4.18 -9.81
C ASP B 87 -46.30 -3.80 -9.32
N ASN B 88 -46.42 -2.48 -9.27
CA ASN B 88 -47.59 -1.76 -8.81
C ASN B 88 -48.36 -2.46 -7.70
N TYR B 89 -47.64 -2.57 -6.59
CA TYR B 89 -48.08 -3.16 -5.33
C TYR B 89 -48.38 -4.66 -5.32
N GLU B 90 -48.34 -5.31 -6.48
CA GLU B 90 -48.60 -6.73 -6.61
C GLU B 90 -47.28 -7.49 -6.61
N VAL B 91 -47.08 -8.50 -5.74
CA VAL B 91 -45.90 -9.40 -5.77
C VAL B 91 -46.06 -10.24 -7.05
N VAL B 92 -45.51 -9.67 -8.10
CA VAL B 92 -45.52 -10.28 -9.40
C VAL B 92 -44.49 -11.41 -9.41
N GLY B 93 -43.45 -11.48 -8.56
CA GLY B 93 -42.53 -12.62 -8.62
C GLY B 93 -41.80 -12.92 -7.32
N LYS B 94 -41.52 -14.18 -7.03
CA LYS B 94 -40.80 -14.57 -5.83
C LYS B 94 -39.65 -15.48 -6.19
N SER B 95 -38.48 -14.92 -6.45
CA SER B 95 -37.27 -15.65 -6.80
C SER B 95 -36.50 -16.19 -5.59
N ARG B 96 -35.52 -17.04 -5.89
CA ARG B 96 -34.63 -17.59 -4.89
C ARG B 96 -33.23 -17.84 -5.39
N PRO B 97 -32.20 -17.26 -4.78
CA PRO B 97 -30.80 -17.40 -5.21
C PRO B 97 -30.29 -18.84 -5.32
N SER B 98 -29.89 -19.33 -6.50
CA SER B 98 -29.18 -20.60 -6.54
C SER B 98 -27.70 -20.24 -6.53
N LEU B 99 -26.75 -21.16 -6.39
CA LEU B 99 -25.37 -20.74 -6.48
C LEU B 99 -25.10 -20.22 -7.88
N PRO B 100 -24.36 -19.11 -8.07
CA PRO B 100 -23.94 -18.64 -9.38
C PRO B 100 -22.88 -19.60 -9.91
N GLU B 101 -22.59 -19.64 -11.22
CA GLU B 101 -21.46 -20.48 -11.57
C GLU B 101 -20.13 -19.73 -11.51
N ARG B 102 -20.17 -18.40 -11.55
CA ARG B 102 -19.00 -17.56 -11.39
C ARG B 102 -19.38 -16.25 -10.75
N ILE B 103 -18.53 -15.60 -9.97
CA ILE B 103 -18.84 -14.27 -9.47
C ILE B 103 -17.70 -13.46 -10.02
N ASP B 104 -18.05 -12.54 -10.90
CA ASP B 104 -17.05 -11.72 -11.47
C ASP B 104 -17.17 -10.35 -10.88
N ASN B 105 -16.04 -9.69 -10.94
CA ASN B 105 -15.89 -8.30 -10.60
C ASN B 105 -15.93 -7.88 -9.12
N VAL B 106 -16.55 -8.59 -8.15
CA VAL B 106 -16.65 -8.10 -6.75
C VAL B 106 -15.55 -8.64 -5.83
N LEU B 107 -14.92 -9.78 -6.15
CA LEU B 107 -13.95 -10.37 -5.21
C LEU B 107 -12.53 -10.13 -5.66
N VAL B 108 -11.54 -10.23 -4.79
CA VAL B 108 -10.15 -10.04 -5.15
C VAL B 108 -9.53 -11.36 -4.72
N CYS B 109 -8.70 -11.84 -5.62
CA CYS B 109 -7.98 -13.08 -5.44
C CYS B 109 -7.01 -12.93 -4.24
N PRO B 110 -7.00 -13.85 -3.28
CA PRO B 110 -5.98 -13.85 -2.27
C PRO B 110 -4.66 -14.32 -2.88
N ASN B 111 -4.52 -14.58 -4.18
CA ASN B 111 -3.21 -14.95 -4.63
C ASN B 111 -2.44 -13.71 -5.02
N SER B 112 -1.44 -13.41 -4.19
CA SER B 112 -0.57 -12.26 -4.37
C SER B 112 0.04 -12.16 -5.76
N ASN B 113 0.57 -13.27 -6.28
CA ASN B 113 1.23 -13.21 -7.55
C ASN B 113 0.29 -13.54 -8.71
N CYS B 114 -0.98 -13.20 -8.59
CA CYS B 114 -1.95 -13.42 -9.63
C CYS B 114 -1.90 -12.18 -10.50
N ILE B 115 -2.02 -12.46 -11.80
CA ILE B 115 -1.93 -11.44 -12.86
C ILE B 115 -3.05 -10.37 -12.74
N SER B 116 -4.17 -10.77 -12.13
CA SER B 116 -5.29 -9.91 -11.95
C SER B 116 -5.00 -8.64 -11.17
N HIS B 117 -4.03 -8.68 -10.24
CA HIS B 117 -3.73 -7.52 -9.43
C HIS B 117 -3.05 -6.51 -10.35
N ALA B 118 -1.98 -6.87 -11.08
CA ALA B 118 -1.33 -5.96 -12.04
C ALA B 118 -2.11 -5.45 -13.29
N GLU B 119 -2.92 -6.27 -13.98
CA GLU B 119 -3.53 -5.86 -15.25
C GLU B 119 -4.96 -5.38 -15.18
N PRO B 120 -5.47 -4.56 -16.14
CA PRO B 120 -6.86 -4.09 -16.21
C PRO B 120 -7.85 -5.17 -16.67
N VAL B 121 -8.05 -6.22 -15.87
CA VAL B 121 -9.05 -7.25 -16.16
C VAL B 121 -9.94 -7.36 -14.91
N SER B 122 -11.21 -7.76 -14.99
CA SER B 122 -12.03 -7.90 -13.79
C SER B 122 -11.69 -9.22 -13.13
N SER B 123 -11.97 -9.34 -11.85
CA SER B 123 -11.78 -10.62 -11.20
C SER B 123 -12.87 -11.57 -11.63
N SER B 124 -12.66 -12.87 -11.39
CA SER B 124 -13.71 -13.84 -11.64
C SER B 124 -13.31 -15.09 -10.90
N PHE B 125 -14.28 -15.69 -10.25
CA PHE B 125 -14.04 -16.92 -9.56
C PHE B 125 -15.10 -17.91 -9.97
N ALA B 126 -14.78 -19.19 -10.20
CA ALA B 126 -15.79 -20.20 -10.41
C ALA B 126 -16.14 -20.69 -9.03
N VAL B 127 -17.44 -20.79 -8.80
CA VAL B 127 -17.99 -21.15 -7.50
C VAL B 127 -18.05 -22.65 -7.50
N ARG B 128 -17.82 -23.27 -6.35
CA ARG B 128 -17.83 -24.72 -6.27
C ARG B 128 -18.51 -25.00 -4.94
N LYS B 129 -19.48 -25.91 -4.93
CA LYS B 129 -20.04 -26.34 -3.66
C LYS B 129 -19.08 -27.48 -3.30
N ARG B 130 -18.16 -27.30 -2.34
CA ARG B 130 -17.17 -28.34 -2.05
C ARG B 130 -17.64 -29.27 -0.91
N ALA B 131 -17.57 -28.94 0.41
CA ALA B 131 -17.94 -29.93 1.43
C ALA B 131 -18.13 -29.40 2.85
N ASN B 132 -18.80 -28.24 2.97
CA ASN B 132 -18.94 -27.48 4.22
C ASN B 132 -19.17 -26.08 3.66
N ASP B 133 -18.14 -25.47 3.06
CA ASP B 133 -18.29 -24.13 2.52
C ASP B 133 -18.17 -24.21 1.01
N ILE B 134 -18.22 -22.99 0.44
CA ILE B 134 -18.20 -22.75 -0.97
C ILE B 134 -16.77 -22.46 -1.35
N ALA B 135 -16.23 -23.26 -2.28
CA ALA B 135 -14.88 -23.07 -2.80
C ALA B 135 -14.90 -22.16 -4.02
N LEU B 136 -13.84 -21.35 -4.20
CA LEU B 136 -13.68 -20.32 -5.23
C LEU B 136 -12.37 -20.47 -5.99
N LYS B 137 -12.46 -20.72 -7.31
CA LYS B 137 -11.30 -20.97 -8.18
C LYS B 137 -11.08 -19.72 -9.00
N CYS B 138 -9.91 -19.10 -8.91
CA CYS B 138 -9.65 -17.92 -9.68
C CYS B 138 -9.53 -18.33 -11.14
N LYS B 139 -10.01 -17.44 -11.96
CA LYS B 139 -9.98 -17.61 -13.41
C LYS B 139 -8.55 -17.66 -13.91
N TYR B 140 -7.75 -16.72 -13.40
CA TYR B 140 -6.40 -16.51 -13.84
C TYR B 140 -5.42 -17.47 -13.19
N CYS B 141 -5.05 -17.33 -11.92
CA CYS B 141 -3.99 -18.13 -11.38
C CYS B 141 -4.41 -19.57 -11.17
N GLU B 142 -5.72 -19.83 -11.23
CA GLU B 142 -6.33 -21.16 -11.13
C GLU B 142 -6.31 -21.87 -9.77
N LYS B 143 -5.90 -21.14 -8.73
CA LYS B 143 -5.87 -21.68 -7.38
C LYS B 143 -7.29 -21.60 -6.80
N GLU B 144 -7.66 -22.56 -5.95
CA GLU B 144 -8.96 -22.61 -5.30
C GLU B 144 -8.79 -22.19 -3.87
N PHE B 145 -9.73 -21.42 -3.38
CA PHE B 145 -9.68 -20.83 -2.04
C PHE B 145 -11.06 -21.06 -1.47
N SER B 146 -11.22 -21.22 -0.16
CA SER B 146 -12.58 -21.31 0.43
C SER B 146 -13.16 -19.90 0.44
N HIS B 147 -14.49 -19.79 0.41
CA HIS B 147 -15.06 -18.45 0.27
C HIS B 147 -14.85 -17.52 1.46
N ASN B 148 -14.68 -18.14 2.62
CA ASN B 148 -14.42 -17.42 3.85
C ASN B 148 -13.20 -16.53 3.64
N VAL B 149 -12.16 -17.17 3.11
CA VAL B 149 -10.85 -16.55 2.91
C VAL B 149 -10.88 -15.36 1.96
N VAL B 150 -11.61 -15.58 0.88
CA VAL B 150 -11.76 -14.61 -0.22
C VAL B 150 -12.43 -13.33 0.26
N LEU B 151 -13.21 -13.47 1.35
CA LEU B 151 -13.86 -12.31 1.95
C LEU B 151 -13.05 -11.60 3.05
N ALA B 152 -11.73 -11.91 2.93
CA ALA B 152 -10.51 -11.28 3.45
C ALA B 152 -10.15 -11.06 4.92
N ASN B 153 -8.93 -10.50 4.96
CA ASN B 153 -8.25 -9.90 6.11
C ASN B 153 -6.92 -9.42 5.49
N ALA C 1 10.82 30.31 40.92
CA ALA C 1 10.42 29.42 39.85
C ALA C 1 10.43 30.47 38.75
N ASN C 2 11.14 30.22 37.66
CA ASN C 2 11.22 31.13 36.53
C ASN C 2 10.18 30.60 35.57
N PRO C 3 9.66 31.35 34.61
CA PRO C 3 8.57 30.86 33.79
C PRO C 3 8.90 29.67 32.87
N LEU C 4 10.13 29.55 32.31
CA LEU C 4 10.48 28.44 31.41
C LEU C 4 11.04 27.18 32.03
N TYR C 5 11.12 27.15 33.37
CA TYR C 5 11.62 26.01 34.11
C TYR C 5 10.77 24.78 33.77
N GLN C 6 11.46 23.70 33.34
CA GLN C 6 10.90 22.41 32.98
C GLN C 6 9.98 22.43 31.78
N LYS C 7 9.99 23.49 30.95
CA LYS C 7 9.13 23.52 29.79
C LYS C 7 9.83 22.81 28.66
N HIS C 8 8.97 22.25 27.80
CA HIS C 8 9.31 21.63 26.54
C HIS C 8 9.44 22.79 25.57
N ILE C 9 10.44 22.86 24.68
CA ILE C 9 10.58 24.01 23.76
C ILE C 9 10.47 23.39 22.39
N ILE C 10 9.22 23.43 21.91
CA ILE C 10 8.91 22.75 20.65
C ILE C 10 8.55 23.60 19.42
N SER C 11 7.65 24.54 19.64
CA SER C 11 7.13 25.37 18.61
C SER C 11 7.21 26.81 19.12
N ILE C 12 7.49 27.80 18.25
CA ILE C 12 7.56 29.18 18.65
C ILE C 12 6.19 29.67 19.07
N ASN C 13 5.13 29.19 18.38
CA ASN C 13 3.76 29.40 18.83
C ASN C 13 3.49 29.24 20.30
N ASP C 14 4.07 28.23 20.92
CA ASP C 14 3.83 27.97 22.32
C ASP C 14 4.56 28.98 23.19
N LEU C 15 5.41 29.87 22.68
CA LEU C 15 6.15 30.80 23.51
C LEU C 15 5.57 32.21 23.40
N SER C 16 5.79 33.08 24.38
CA SER C 16 5.24 34.41 24.33
C SER C 16 6.36 35.43 24.16
N ARG C 17 6.00 36.69 23.92
CA ARG C 17 6.94 37.79 23.78
C ARG C 17 7.74 37.80 25.08
N ASP C 18 7.12 37.50 26.20
CA ASP C 18 7.85 37.51 27.43
C ASP C 18 8.83 36.35 27.58
N ASP C 19 8.46 35.16 27.16
CA ASP C 19 9.33 33.99 27.17
C ASP C 19 10.55 34.25 26.32
N LEU C 20 10.36 34.85 25.15
CA LEU C 20 11.44 35.10 24.22
C LEU C 20 12.39 36.15 24.79
N ASN C 21 11.76 37.21 25.25
CA ASN C 21 12.56 38.24 25.82
C ASN C 21 13.31 37.77 27.04
N LEU C 22 12.83 36.79 27.83
CA LEU C 22 13.62 36.34 28.97
C LEU C 22 14.87 35.61 28.50
N VAL C 23 14.84 34.86 27.41
CA VAL C 23 16.03 34.18 26.98
C VAL C 23 17.03 35.16 26.43
N LEU C 24 16.61 36.19 25.72
CA LEU C 24 17.59 37.13 25.19
C LEU C 24 18.26 37.92 26.34
N ALA C 25 17.49 38.29 27.37
CA ALA C 25 18.00 38.94 28.56
C ALA C 25 19.01 38.06 29.25
N THR C 26 18.69 36.78 29.32
CA THR C 26 19.61 35.84 29.93
C THR C 26 20.85 35.65 29.06
N ALA C 27 20.69 35.64 27.75
CA ALA C 27 21.74 35.38 26.79
C ALA C 27 22.83 36.40 26.88
N ALA C 28 22.41 37.65 26.88
CA ALA C 28 23.35 38.77 26.96
C ALA C 28 24.11 38.74 28.25
N LYS C 29 23.44 38.24 29.27
CA LYS C 29 24.05 38.11 30.58
C LYS C 29 25.12 37.06 30.53
N LEU C 30 24.83 35.81 30.24
CA LEU C 30 25.86 34.79 30.17
C LEU C 30 27.01 35.16 29.23
N LYS C 31 26.76 36.01 28.25
CA LYS C 31 27.75 36.50 27.29
C LYS C 31 28.74 37.46 27.94
N ALA C 32 28.25 38.20 28.91
CA ALA C 32 29.07 39.09 29.68
C ALA C 32 29.64 38.36 30.86
N ASN C 33 29.09 37.26 31.34
CA ASN C 33 29.57 36.64 32.56
C ASN C 33 29.30 35.14 32.57
N PRO C 34 30.31 34.34 32.26
CA PRO C 34 30.22 32.92 32.14
C PRO C 34 29.89 32.23 33.44
N GLN C 35 29.20 31.09 33.35
CA GLN C 35 28.77 30.37 34.53
C GLN C 35 29.17 28.91 34.35
N PRO C 36 30.39 28.46 34.60
CA PRO C 36 30.89 27.17 34.11
C PRO C 36 30.49 25.89 34.84
N GLU C 37 29.59 26.05 35.81
CA GLU C 37 29.12 24.96 36.65
C GLU C 37 27.66 25.14 37.03
N LEU C 38 27.01 25.95 36.22
CA LEU C 38 25.62 26.22 36.40
C LEU C 38 24.91 24.90 36.29
N LEU C 39 25.24 24.03 35.32
CA LEU C 39 24.58 22.74 35.16
C LEU C 39 25.41 21.55 35.55
N LYS C 40 26.31 21.84 36.50
CA LYS C 40 27.17 20.84 37.07
C LYS C 40 26.23 19.78 37.61
N HIS C 41 26.61 18.53 37.30
CA HIS C 41 25.92 17.31 37.64
C HIS C 41 24.65 16.94 36.86
N LYS C 42 24.29 17.66 35.80
CA LYS C 42 23.15 17.23 34.96
C LYS C 42 23.65 16.43 33.72
N VAL C 43 23.07 15.29 33.31
CA VAL C 43 23.48 14.65 32.09
C VAL C 43 22.32 14.96 31.14
N ILE C 44 22.66 15.41 29.92
CA ILE C 44 21.77 15.79 28.83
C ILE C 44 22.01 14.91 27.56
N ALA C 45 20.91 14.53 26.87
CA ALA C 45 20.92 13.66 25.70
C ALA C 45 20.84 14.49 24.45
N SER C 46 21.79 14.35 23.55
CA SER C 46 21.80 15.04 22.28
C SER C 46 21.45 13.96 21.21
N CYS C 47 20.16 13.86 20.88
CA CYS C 47 19.67 12.84 20.00
C CYS C 47 19.43 13.37 18.61
N PHE C 48 20.34 13.18 17.65
CA PHE C 48 20.20 13.74 16.32
C PHE C 48 19.99 12.60 15.35
N PHE C 49 18.77 12.57 14.83
CA PHE C 49 18.34 11.56 13.86
C PHE C 49 18.46 12.17 12.49
N GLU C 50 19.11 13.32 12.35
CA GLU C 50 19.28 14.00 11.10
C GLU C 50 20.49 14.91 11.31
N ALA C 51 21.30 15.00 10.24
CA ALA C 51 22.51 15.81 10.11
C ALA C 51 22.54 17.24 10.62
N SER C 52 23.66 17.56 11.25
CA SER C 52 23.90 18.87 11.76
C SER C 52 25.39 19.11 12.01
N THR C 53 25.83 20.33 11.81
CA THR C 53 27.14 20.78 12.24
C THR C 53 26.80 21.84 13.29
N ARG C 54 26.09 22.92 13.00
CA ARG C 54 25.78 23.98 13.95
C ARG C 54 24.90 23.61 15.11
N THR C 55 23.64 23.20 15.01
CA THR C 55 22.81 22.97 16.19
C THR C 55 23.40 21.97 17.15
N ARG C 56 23.85 20.81 16.69
CA ARG C 56 24.50 19.83 17.54
C ARG C 56 25.78 20.29 18.19
N LEU C 57 26.76 20.79 17.44
CA LEU C 57 27.98 21.20 18.04
C LEU C 57 27.78 22.46 18.85
N SER C 58 26.94 23.44 18.50
CA SER C 58 26.66 24.60 19.38
C SER C 58 26.03 24.18 20.70
N PHE C 59 25.01 23.29 20.63
CA PHE C 59 24.33 22.70 21.78
C PHE C 59 25.27 21.95 22.66
N GLN C 60 26.02 20.99 22.14
CA GLN C 60 26.99 20.32 22.97
C GLN C 60 28.05 21.21 23.56
N THR C 61 28.52 22.24 22.86
CA THR C 61 29.47 23.18 23.43
C THR C 61 28.80 24.01 24.54
N SER C 62 27.60 24.58 24.32
CA SER C 62 26.84 25.28 25.36
C SER C 62 26.67 24.45 26.64
N MET C 63 26.35 23.14 26.52
CA MET C 63 26.21 22.21 27.61
C MET C 63 27.51 22.10 28.34
N HIS C 64 28.61 21.99 27.62
CA HIS C 64 29.91 21.85 28.26
C HIS C 64 30.38 23.06 29.01
N ARG C 65 30.12 24.25 28.43
CA ARG C 65 30.47 25.54 29.03
C ARG C 65 29.69 25.77 30.34
N LEU C 66 28.52 25.18 30.50
CA LEU C 66 27.76 25.27 31.74
C LEU C 66 28.04 24.10 32.66
N GLY C 67 28.84 23.11 32.34
CA GLY C 67 29.14 22.04 33.25
C GLY C 67 28.33 20.77 33.05
N ALA C 68 27.41 20.70 32.09
CA ALA C 68 26.66 19.46 31.94
C ALA C 68 27.45 18.36 31.19
N SER C 69 26.92 17.12 31.17
CA SER C 69 27.49 16.00 30.43
C SER C 69 26.55 15.69 29.31
N VAL C 70 27.11 15.18 28.21
CA VAL C 70 26.30 14.90 27.04
C VAL C 70 26.42 13.44 26.72
N VAL C 71 25.30 12.80 26.37
CA VAL C 71 25.21 11.42 25.91
C VAL C 71 24.37 11.47 24.65
N GLY C 72 24.58 10.76 23.55
CA GLY C 72 23.63 10.86 22.45
C GLY C 72 24.01 10.05 21.25
N PHE C 73 23.70 10.53 20.06
CA PHE C 73 24.07 9.94 18.79
C PHE C 73 23.93 10.94 17.67
N SER C 74 24.80 10.80 16.69
CA SER C 74 24.84 11.69 15.56
C SER C 74 23.95 11.18 14.47
N ASP C 75 23.68 9.88 14.49
CA ASP C 75 22.76 9.24 13.59
C ASP C 75 22.27 7.98 14.25
N SER C 76 20.97 7.81 14.08
CA SER C 76 20.20 6.66 14.51
C SER C 76 20.64 5.36 13.88
N ALA C 77 21.58 5.31 12.92
CA ALA C 77 22.01 4.08 12.24
C ALA C 77 22.48 2.99 13.15
N ASN C 78 22.99 3.52 14.22
CA ASN C 78 23.57 2.73 15.24
C ASN C 78 22.66 2.43 16.42
N THR C 79 21.52 3.11 16.55
CA THR C 79 20.64 2.92 17.69
C THR C 79 19.88 1.61 17.47
N SER C 80 19.22 1.03 18.46
CA SER C 80 18.34 -0.10 18.24
C SER C 80 17.07 0.35 17.49
N LEU C 81 16.69 1.64 17.41
CA LEU C 81 15.61 2.08 16.51
C LEU C 81 16.01 1.92 15.02
N GLY C 82 17.31 2.13 14.73
CA GLY C 82 17.80 2.05 13.39
C GLY C 82 18.14 0.62 12.99
N LYS C 83 18.74 -0.15 13.88
CA LYS C 83 19.05 -1.51 13.53
C LYS C 83 17.99 -2.47 13.97
N LYS C 84 17.30 -2.36 15.12
CA LYS C 84 16.42 -3.45 15.51
C LYS C 84 14.94 -3.12 15.39
N GLY C 85 14.61 -2.02 14.68
CA GLY C 85 13.23 -1.60 14.50
C GLY C 85 12.40 -1.13 15.72
N GLU C 86 13.04 -0.60 16.76
CA GLU C 86 12.31 -0.02 17.88
C GLU C 86 11.57 1.29 17.49
N THR C 87 10.45 1.67 18.13
CA THR C 87 9.79 2.94 17.82
C THR C 87 10.50 4.13 18.46
N LEU C 88 10.13 5.34 17.99
CA LEU C 88 10.66 6.58 18.56
C LEU C 88 10.11 6.69 19.94
N ALA C 89 8.81 6.38 20.07
CA ALA C 89 8.09 6.39 21.34
C ALA C 89 8.81 5.59 22.44
N ASP C 90 9.36 4.42 22.03
CA ASP C 90 10.09 3.58 22.95
C ASP C 90 11.49 4.04 23.20
N THR C 91 12.12 4.62 22.19
CA THR C 91 13.44 5.17 22.37
C THR C 91 13.38 6.30 23.40
N ILE C 92 12.38 7.20 23.30
CA ILE C 92 12.25 8.31 24.24
C ILE C 92 11.89 7.84 25.64
N SER C 93 11.00 6.88 25.78
CA SER C 93 10.71 6.27 27.06
C SER C 93 11.95 5.73 27.78
N VAL C 94 12.91 5.03 27.17
CA VAL C 94 14.02 4.59 28.00
C VAL C 94 14.99 5.73 28.16
N ILE C 95 15.27 6.55 27.15
CA ILE C 95 16.24 7.63 27.28
C ILE C 95 15.79 8.54 28.39
N SER C 96 14.49 8.77 28.53
CA SER C 96 14.02 9.63 29.58
C SER C 96 14.28 8.95 30.95
N THR C 97 14.33 7.63 31.12
CA THR C 97 14.71 7.13 32.43
C THR C 97 16.20 7.34 32.78
N TYR C 98 17.02 7.91 31.88
CA TYR C 98 18.45 8.13 32.07
C TYR C 98 18.97 9.54 32.31
N VAL C 99 18.31 10.52 31.70
CA VAL C 99 18.83 11.87 31.57
C VAL C 99 17.89 12.94 32.10
N ASP C 100 18.44 14.16 32.08
CA ASP C 100 17.76 15.35 32.59
C ASP C 100 17.07 16.28 31.61
N ALA C 101 17.42 16.24 30.33
CA ALA C 101 16.74 16.98 29.26
C ALA C 101 17.14 16.26 27.97
N ILE C 102 16.27 16.27 26.95
CA ILE C 102 16.52 15.64 25.66
C ILE C 102 16.52 16.73 24.63
N VAL C 103 17.58 16.85 23.86
CA VAL C 103 17.72 17.79 22.76
C VAL C 103 17.56 16.94 21.52
N MET C 104 16.55 17.09 20.68
CA MET C 104 16.58 16.24 19.53
C MET C 104 16.30 16.86 18.17
N ARG C 105 16.94 16.36 17.12
CA ARG C 105 16.67 16.74 15.74
C ARG C 105 16.12 15.48 15.10
N HIS C 106 15.08 15.64 14.26
CA HIS C 106 14.41 14.52 13.61
C HIS C 106 13.80 14.90 12.26
N PRO C 107 13.90 14.03 11.25
CA PRO C 107 13.34 14.22 9.91
C PRO C 107 11.81 14.27 9.70
N GLN C 108 10.96 13.80 10.60
CA GLN C 108 9.54 13.86 10.39
C GLN C 108 9.06 15.00 11.21
N GLU C 109 8.01 15.66 10.74
CA GLU C 109 7.47 16.77 11.45
C GLU C 109 6.57 16.12 12.47
N GLY C 110 6.74 16.69 13.64
CA GLY C 110 5.97 16.33 14.80
C GLY C 110 6.69 15.44 15.77
N ALA C 111 7.95 15.10 15.49
CA ALA C 111 8.67 14.12 16.30
C ALA C 111 8.84 14.51 17.74
N ALA C 112 9.23 15.79 17.87
CA ALA C 112 9.44 16.48 19.12
C ALA C 112 8.21 16.47 20.02
N ARG C 113 7.07 17.01 19.55
CA ARG C 113 5.82 16.97 20.30
C ARG C 113 5.47 15.51 20.61
N LEU C 114 5.64 14.57 19.69
CA LEU C 114 5.48 13.14 19.96
C LEU C 114 6.31 12.75 21.18
N ALA C 115 7.58 13.15 21.22
CA ALA C 115 8.49 12.77 22.26
C ALA C 115 8.10 13.21 23.64
N THR C 116 7.54 14.41 23.74
CA THR C 116 7.11 14.96 25.01
C THR C 116 6.00 14.13 25.65
N GLU C 117 5.24 13.39 24.85
CA GLU C 117 4.21 12.50 25.33
C GLU C 117 4.87 11.28 25.87
N PHE C 118 6.18 11.13 25.86
CA PHE C 118 6.75 9.91 26.37
C PHE C 118 7.92 10.24 27.23
N SER C 119 8.28 11.54 27.41
CA SER C 119 9.50 11.88 28.12
C SER C 119 9.31 11.90 29.61
N GLY C 120 8.06 11.75 30.03
CA GLY C 120 7.76 11.78 31.44
C GLY C 120 7.86 13.24 31.84
N ASN C 121 8.71 13.54 32.77
CA ASN C 121 8.83 14.91 33.25
C ASN C 121 10.14 15.44 32.72
N VAL C 122 10.72 14.86 31.69
CA VAL C 122 12.02 15.31 31.24
C VAL C 122 11.76 16.27 30.11
N PRO C 123 12.24 17.53 30.09
CA PRO C 123 12.11 18.50 28.99
C PRO C 123 12.70 18.03 27.64
N VAL C 124 11.94 18.24 26.54
CA VAL C 124 12.36 17.88 25.20
C VAL C 124 12.56 19.25 24.61
N LEU C 125 13.73 19.52 24.06
CA LEU C 125 13.99 20.77 23.35
C LEU C 125 14.15 20.39 21.86
N ASN C 126 13.35 21.01 20.99
CA ASN C 126 13.36 20.71 19.59
C ASN C 126 14.51 21.37 18.78
N ALA C 127 15.39 20.55 18.18
CA ALA C 127 16.51 21.02 17.34
C ALA C 127 16.17 21.15 15.87
N GLY C 128 15.00 20.68 15.51
CA GLY C 128 14.46 20.81 14.20
C GLY C 128 13.60 19.59 13.93
N ASP C 129 12.35 19.73 13.50
CA ASP C 129 11.62 18.54 13.12
C ASP C 129 11.14 18.59 11.68
N GLY C 130 12.02 18.06 10.82
CA GLY C 130 11.73 18.08 9.41
C GLY C 130 11.60 19.53 9.03
N SER C 131 10.48 19.92 8.46
CA SER C 131 10.42 21.30 7.98
C SER C 131 9.53 22.11 8.86
N ASN C 132 9.20 21.61 10.04
CA ASN C 132 8.24 22.32 10.83
C ASN C 132 8.79 23.50 11.64
N GLN C 133 9.33 23.24 12.80
CA GLN C 133 9.76 24.25 13.71
C GLN C 133 11.25 24.09 13.86
N HIS C 134 11.87 25.21 14.22
CA HIS C 134 13.27 25.27 14.60
C HIS C 134 13.42 26.41 15.62
N PRO C 135 12.85 26.32 16.86
CA PRO C 135 12.81 27.42 17.85
C PRO C 135 14.15 27.95 18.35
N THR C 136 15.13 27.10 18.65
CA THR C 136 16.47 27.49 19.13
C THR C 136 17.23 28.36 18.12
N GLN C 137 17.01 28.13 16.83
CA GLN C 137 17.55 28.95 15.76
C GLN C 137 17.07 30.38 15.88
N THR C 138 15.75 30.46 16.07
CA THR C 138 15.03 31.71 16.10
C THR C 138 15.42 32.54 17.30
N LEU C 139 15.63 31.85 18.41
CA LEU C 139 16.17 32.48 19.58
C LEU C 139 17.50 33.06 19.19
N LEU C 140 18.49 32.35 18.64
CA LEU C 140 19.74 33.03 18.27
C LEU C 140 19.59 34.03 17.13
N ASP C 141 18.54 34.01 16.33
CA ASP C 141 18.38 35.05 15.34
C ASP C 141 17.86 36.31 16.00
N LEU C 142 16.94 36.18 16.96
CA LEU C 142 16.34 37.34 17.60
C LEU C 142 17.43 38.06 18.38
N PHE C 143 18.33 37.31 19.02
CA PHE C 143 19.48 37.83 19.72
C PHE C 143 20.40 38.62 18.79
N THR C 144 20.72 38.12 17.60
CA THR C 144 21.54 38.80 16.62
C THR C 144 20.85 40.02 16.08
N ILE C 145 19.54 39.99 15.82
CA ILE C 145 18.82 41.16 15.28
C ILE C 145 18.85 42.30 16.30
N GLN C 146 18.66 41.91 17.56
CA GLN C 146 18.76 42.83 18.66
C GLN C 146 20.16 43.40 18.77
N GLN C 147 21.24 42.62 18.72
CA GLN C 147 22.57 43.21 18.83
C GLN C 147 22.85 44.22 17.71
N THR C 148 22.42 43.87 16.50
CA THR C 148 22.72 44.69 15.37
C THR C 148 21.82 45.89 15.20
N GLU C 149 20.53 45.75 15.54
CA GLU C 149 19.56 46.81 15.32
C GLU C 149 19.02 47.48 16.57
N GLY C 150 19.24 46.90 17.74
CA GLY C 150 18.76 47.45 18.98
C GLY C 150 17.26 47.50 19.18
N ARG C 151 16.47 46.86 18.35
CA ARG C 151 15.02 46.89 18.45
C ARG C 151 14.55 45.59 17.82
N LEU C 152 13.40 45.04 18.24
CA LEU C 152 12.78 43.94 17.51
C LEU C 152 11.38 44.40 17.09
N ASP C 153 11.11 45.70 17.07
CA ASP C 153 9.82 46.26 16.72
C ASP C 153 10.16 47.19 15.56
N ASN C 154 9.16 47.44 14.73
CA ASN C 154 9.18 48.25 13.52
C ASN C 154 10.40 48.06 12.65
N LEU C 155 10.72 46.82 12.31
CA LEU C 155 11.82 46.57 11.39
C LEU C 155 11.25 46.27 10.02
N HIS C 156 12.16 46.32 9.06
CA HIS C 156 11.90 45.87 7.71
C HIS C 156 12.84 44.70 7.50
N VAL C 157 12.18 43.54 7.37
CA VAL C 157 12.80 42.21 7.31
C VAL C 157 12.40 41.54 6.01
N ALA C 158 13.37 41.13 5.19
CA ALA C 158 13.06 40.37 3.98
C ALA C 158 13.47 38.90 4.16
N MET C 159 12.65 37.87 3.81
CA MET C 159 13.03 36.44 3.86
C MET C 159 13.12 35.96 2.42
N VAL C 160 14.29 35.47 1.99
CA VAL C 160 14.58 35.14 0.61
C VAL C 160 14.86 33.65 0.53
N GLY C 161 14.24 32.87 -0.34
CA GLY C 161 14.70 31.51 -0.55
C GLY C 161 13.62 30.46 -0.59
N ASP C 162 13.88 29.36 0.11
CA ASP C 162 12.95 28.27 0.18
C ASP C 162 12.21 28.51 1.48
N LEU C 163 11.10 29.21 1.40
CA LEU C 163 10.26 29.52 2.53
C LEU C 163 9.22 28.45 2.85
N LYS C 164 9.00 27.55 1.91
CA LYS C 164 8.10 26.44 2.11
C LYS C 164 8.64 25.41 3.08
N TYR C 165 9.79 24.83 2.76
CA TYR C 165 10.41 23.80 3.61
C TYR C 165 11.31 24.24 4.75
N GLY C 166 11.57 25.56 4.82
CA GLY C 166 12.39 26.18 5.81
C GLY C 166 11.78 26.34 7.20
N ARG C 167 12.02 25.39 8.10
CA ARG C 167 11.61 25.46 9.49
C ARG C 167 12.12 26.74 10.19
N THR C 168 13.23 27.28 9.67
CA THR C 168 13.88 28.45 10.23
C THR C 168 13.04 29.71 10.12
N VAL C 169 12.55 29.99 8.89
CA VAL C 169 11.75 31.17 8.62
C VAL C 169 10.33 30.97 9.12
N HIS C 170 9.91 29.71 9.33
CA HIS C 170 8.59 29.42 9.89
C HIS C 170 8.52 29.90 11.32
N SER C 171 9.48 29.48 12.13
CA SER C 171 9.65 29.94 13.50
C SER C 171 9.95 31.44 13.59
N LEU C 172 10.84 31.99 12.76
CA LEU C 172 11.17 33.40 12.80
C LEU C 172 10.00 34.28 12.46
N THR C 173 9.17 34.01 11.45
CA THR C 173 8.07 34.93 11.21
C THR C 173 7.05 34.89 12.34
N GLN C 174 6.90 33.74 13.00
CA GLN C 174 5.98 33.62 14.12
C GLN C 174 6.50 34.41 15.29
N ALA C 175 7.81 34.36 15.57
CA ALA C 175 8.35 35.09 16.69
C ALA C 175 8.32 36.60 16.45
N LEU C 176 8.68 37.09 15.26
CA LEU C 176 8.68 38.51 14.95
C LEU C 176 7.27 39.10 14.88
N ALA C 177 6.27 38.27 14.64
CA ALA C 177 4.91 38.72 14.61
C ALA C 177 4.45 38.98 16.03
N LYS C 178 5.25 38.62 17.04
CA LYS C 178 4.93 38.93 18.42
C LYS C 178 5.44 40.33 18.81
N PHE C 179 5.95 41.14 17.89
CA PHE C 179 6.40 42.48 18.19
C PHE C 179 5.65 43.41 17.25
N ASP C 180 5.59 44.67 17.68
CA ASP C 180 4.79 45.60 16.94
C ASP C 180 5.55 46.20 15.79
N GLY C 181 4.87 46.37 14.68
CA GLY C 181 5.35 47.22 13.61
C GLY C 181 6.31 46.65 12.61
N ASN C 182 6.55 45.33 12.62
CA ASN C 182 7.49 44.71 11.70
C ASN C 182 6.81 44.42 10.39
N ARG C 183 7.53 44.78 9.34
CA ARG C 183 7.10 44.69 7.96
C ARG C 183 7.90 43.57 7.28
N PHE C 184 7.19 42.63 6.68
CA PHE C 184 7.78 41.48 5.99
C PHE C 184 7.76 41.54 4.46
N TYR C 185 8.84 41.15 3.80
CA TYR C 185 8.98 41.11 2.36
C TYR C 185 9.47 39.69 2.14
N PHE C 186 8.81 38.93 1.27
CA PHE C 186 9.09 37.53 1.01
C PHE C 186 9.50 37.35 -0.45
N ILE C 187 10.70 36.84 -0.72
CA ILE C 187 11.21 36.62 -2.05
C ILE C 187 11.52 35.14 -2.11
N ALA C 188 10.70 34.31 -2.73
CA ALA C 188 10.88 32.87 -2.82
C ALA C 188 10.45 32.47 -4.21
N PRO C 189 10.92 31.39 -4.83
CA PRO C 189 10.22 30.74 -5.95
C PRO C 189 8.80 30.42 -5.53
N ASP C 190 7.69 30.68 -6.23
CA ASP C 190 6.35 30.35 -5.74
C ASP C 190 6.16 28.91 -5.31
N ALA C 191 6.88 27.95 -5.86
CA ALA C 191 6.79 26.59 -5.41
C ALA C 191 7.47 26.39 -4.07
N LEU C 192 8.36 27.25 -3.60
CA LEU C 192 8.96 27.14 -2.29
C LEU C 192 8.56 28.39 -1.51
N ALA C 193 7.26 28.64 -1.51
CA ALA C 193 6.69 29.80 -0.91
C ALA C 193 6.20 29.49 0.50
N MET C 194 6.05 30.60 1.21
CA MET C 194 5.66 30.64 2.61
C MET C 194 4.31 30.00 2.74
N PRO C 195 4.10 29.04 3.63
CA PRO C 195 2.77 28.56 4.00
C PRO C 195 1.69 29.58 4.32
N GLU C 196 0.52 29.46 3.69
CA GLU C 196 -0.63 30.31 4.00
C GLU C 196 -0.96 30.15 5.45
N TYR C 197 -0.70 29.04 6.16
CA TYR C 197 -0.99 29.06 7.59
C TYR C 197 -0.21 30.19 8.33
N ILE C 198 1.01 30.57 7.94
CA ILE C 198 1.77 31.66 8.54
C ILE C 198 1.09 32.95 8.06
N LEU C 199 0.80 33.03 6.77
CA LEU C 199 0.15 34.20 6.16
C LEU C 199 -1.17 34.59 6.83
N ASP C 200 -2.07 33.64 7.02
CA ASP C 200 -3.31 33.83 7.71
C ASP C 200 -3.06 34.46 9.05
N MET C 201 -2.03 34.04 9.77
CA MET C 201 -1.67 34.60 11.07
C MET C 201 -1.17 36.03 10.97
N LEU C 202 -0.39 36.34 9.94
CA LEU C 202 0.04 37.71 9.71
C LEU C 202 -1.16 38.60 9.37
N ASP C 203 -2.13 38.10 8.60
CA ASP C 203 -3.40 38.76 8.35
C ASP C 203 -4.26 38.73 9.63
N GLU C 204 -4.29 37.71 10.50
CA GLU C 204 -5.07 37.71 11.72
C GLU C 204 -4.49 38.78 12.63
N LYS C 205 -3.22 39.13 12.56
CA LYS C 205 -2.74 40.17 13.44
C LYS C 205 -2.63 41.54 12.75
N GLY C 206 -3.00 41.66 11.48
CA GLY C 206 -2.86 42.94 10.79
C GLY C 206 -1.42 43.43 10.60
N ILE C 207 -0.53 42.50 10.25
CA ILE C 207 0.87 42.80 10.00
C ILE C 207 1.00 42.95 8.48
N ALA C 208 1.93 43.77 7.97
CA ALA C 208 2.08 43.96 6.53
C ALA C 208 3.22 43.15 5.95
N TRP C 209 2.91 42.46 4.88
CA TRP C 209 3.87 41.64 4.18
C TRP C 209 3.61 41.81 2.68
N SER C 210 4.56 41.52 1.83
CA SER C 210 4.44 41.68 0.41
C SER C 210 5.41 40.66 -0.15
N LEU C 211 5.20 40.31 -1.39
CA LEU C 211 6.04 39.37 -2.05
C LEU C 211 6.79 40.20 -3.08
N HIS C 212 8.02 39.83 -3.42
CA HIS C 212 8.83 40.53 -4.44
C HIS C 212 9.55 39.50 -5.27
N SER C 213 9.82 39.92 -6.49
CA SER C 213 10.40 39.05 -7.51
C SER C 213 11.92 39.07 -7.53
N SER C 214 12.48 40.01 -6.75
CA SER C 214 13.90 40.31 -6.76
C SER C 214 14.26 40.91 -5.41
N ILE C 215 15.53 40.74 -5.09
CA ILE C 215 16.09 41.29 -3.87
C ILE C 215 16.31 42.79 -4.07
N GLU C 216 16.62 43.16 -5.30
CA GLU C 216 17.04 44.51 -5.59
C GLU C 216 15.88 45.44 -5.40
N GLU C 217 14.66 44.91 -5.50
CA GLU C 217 13.56 45.82 -5.34
C GLU C 217 13.15 46.20 -3.93
N VAL C 218 13.82 45.61 -2.93
CA VAL C 218 13.60 45.95 -1.51
C VAL C 218 14.90 46.23 -0.76
N MET C 219 16.07 46.06 -1.39
CA MET C 219 17.38 46.23 -0.77
C MET C 219 17.51 47.52 0.04
N ALA C 220 17.02 48.55 -0.64
CA ALA C 220 17.07 49.88 -0.08
C ALA C 220 16.21 50.12 1.16
N GLU C 221 15.23 49.25 1.42
CA GLU C 221 14.33 49.42 2.52
C GLU C 221 14.52 48.44 3.65
N VAL C 222 15.48 47.50 3.63
CA VAL C 222 15.51 46.49 4.68
C VAL C 222 16.60 46.72 5.72
N ASP C 223 16.20 46.29 6.92
CA ASP C 223 17.04 46.26 8.09
C ASP C 223 17.76 44.95 8.15
N ILE C 224 17.00 43.90 7.87
CA ILE C 224 17.55 42.56 7.87
C ILE C 224 17.18 41.86 6.56
N LEU C 225 18.12 41.13 5.97
CA LEU C 225 17.89 40.36 4.77
C LEU C 225 18.17 38.91 5.20
N TYR C 226 17.17 38.04 5.22
CA TYR C 226 17.37 36.71 5.70
C TYR C 226 17.35 35.70 4.58
N MET C 227 18.54 35.25 4.21
CA MET C 227 18.74 34.27 3.15
C MET C 227 18.56 32.86 3.69
N THR C 228 18.03 32.01 2.82
CA THR C 228 17.90 30.61 3.17
C THR C 228 18.40 29.65 2.10
N ARG C 229 18.68 28.40 2.49
CA ARG C 229 19.10 27.30 1.61
C ARG C 229 17.92 26.49 1.04
N VAL C 230 17.90 26.08 -0.23
CA VAL C 230 16.87 25.17 -0.78
C VAL C 230 17.09 23.82 -0.13
N GLN C 231 16.11 23.42 0.64
CA GLN C 231 16.16 22.16 1.36
C GLN C 231 16.08 21.02 0.38
N LYS C 232 17.10 20.72 -0.44
CA LYS C 232 17.08 19.65 -1.45
C LYS C 232 16.47 18.36 -0.89
N GLU C 233 16.99 17.89 0.25
CA GLU C 233 16.54 16.69 0.89
C GLU C 233 15.06 16.70 1.25
N ARG C 234 14.41 17.83 1.23
CA ARG C 234 13.01 17.83 1.59
C ARG C 234 12.14 17.94 0.34
N LEU C 235 12.73 18.30 -0.79
CA LEU C 235 11.93 18.55 -1.96
C LEU C 235 11.36 17.26 -2.52
N ASP C 236 10.08 17.47 -2.78
CA ASP C 236 9.35 16.50 -3.54
C ASP C 236 9.94 16.58 -4.96
N PRO C 237 10.05 15.48 -5.72
CA PRO C 237 10.65 15.54 -7.04
C PRO C 237 9.92 16.43 -8.04
N SER C 238 8.65 16.80 -7.79
CA SER C 238 7.97 17.84 -8.56
C SER C 238 8.74 19.15 -8.46
N GLU C 239 9.36 19.43 -7.31
CA GLU C 239 10.03 20.72 -7.13
C GLU C 239 11.48 20.73 -7.56
N TYR C 240 11.99 19.73 -8.24
CA TYR C 240 13.39 19.72 -8.67
C TYR C 240 13.78 20.77 -9.71
N ALA C 241 12.77 21.45 -10.26
CA ALA C 241 13.01 22.65 -11.03
C ALA C 241 13.65 23.72 -10.12
N ASN C 242 13.53 23.55 -8.80
CA ASN C 242 14.00 24.48 -7.78
C ASN C 242 15.26 24.24 -6.99
N VAL C 243 15.93 23.13 -7.22
CA VAL C 243 17.15 22.86 -6.48
C VAL C 243 18.20 23.96 -6.57
N LYS C 244 18.45 24.62 -7.72
CA LYS C 244 19.52 25.63 -7.77
C LYS C 244 18.90 26.95 -7.41
N ALA C 245 19.69 27.68 -6.60
CA ALA C 245 19.21 28.93 -6.02
C ALA C 245 18.74 30.00 -7.00
N GLN C 246 17.52 30.50 -6.87
CA GLN C 246 17.01 31.50 -7.79
C GLN C 246 17.50 32.91 -7.50
N PHE C 247 17.61 33.28 -6.23
CA PHE C 247 18.05 34.62 -5.87
C PHE C 247 19.38 34.37 -5.20
N VAL C 248 20.47 34.88 -5.77
CA VAL C 248 21.85 34.70 -5.28
C VAL C 248 22.41 36.07 -4.91
N LEU C 249 22.73 36.37 -3.67
CA LEU C 249 23.28 37.67 -3.29
C LEU C 249 24.79 37.77 -3.55
N ARG C 250 25.18 38.84 -4.25
CA ARG C 250 26.55 39.12 -4.60
C ARG C 250 26.85 40.46 -3.98
N ALA C 251 28.12 40.65 -3.61
CA ALA C 251 28.58 41.91 -2.99
C ALA C 251 28.09 43.19 -3.68
N SER C 252 28.13 43.26 -4.99
CA SER C 252 27.60 44.40 -5.74
C SER C 252 26.13 44.73 -5.51
N ASP C 253 25.32 43.77 -5.11
CA ASP C 253 23.92 44.01 -4.96
C ASP C 253 23.61 44.84 -3.73
N LEU C 254 24.56 44.92 -2.81
CA LEU C 254 24.33 45.70 -1.60
C LEU C 254 24.53 47.20 -1.84
N HIS C 255 24.68 47.69 -3.08
CA HIS C 255 25.13 49.05 -3.29
C HIS C 255 24.29 50.16 -2.74
N ASN C 256 23.00 49.92 -2.66
CA ASN C 256 22.06 50.94 -2.24
C ASN C 256 21.37 50.53 -0.94
N ALA C 257 22.13 49.73 -0.16
CA ALA C 257 21.69 49.23 1.14
C ALA C 257 21.90 50.19 2.31
N LYS C 258 21.02 50.10 3.32
CA LYS C 258 21.10 50.91 4.53
C LYS C 258 22.42 50.57 5.21
N ALA C 259 23.12 51.56 5.77
CA ALA C 259 24.41 51.28 6.38
C ALA C 259 24.30 50.33 7.55
N ASN C 260 23.14 50.34 8.21
CA ASN C 260 22.78 49.45 9.31
C ASN C 260 22.30 48.06 8.87
N MET C 261 22.06 47.77 7.59
CA MET C 261 21.55 46.49 7.16
C MET C 261 22.45 45.28 7.39
N LYS C 262 21.87 44.16 7.79
CA LYS C 262 22.61 42.92 7.96
C LYS C 262 21.94 41.85 7.11
N VAL C 263 22.85 41.02 6.54
CA VAL C 263 22.56 39.80 5.79
C VAL C 263 22.71 38.64 6.79
N LEU C 264 21.64 37.99 7.18
CA LEU C 264 21.67 36.87 8.09
C LEU C 264 21.39 35.62 7.28
N HIS C 265 21.98 34.49 7.70
CA HIS C 265 21.73 33.18 7.13
C HIS C 265 21.89 32.19 8.30
N PRO C 266 20.94 31.25 8.50
CA PRO C 266 21.01 30.09 9.40
C PRO C 266 22.23 29.19 9.22
N LEU C 267 22.55 29.04 7.91
CA LEU C 267 23.59 28.24 7.32
C LEU C 267 23.19 26.78 7.42
N PRO C 268 23.72 25.81 6.68
CA PRO C 268 24.69 25.97 5.59
C PRO C 268 24.25 26.80 4.41
N ARG C 269 25.18 27.48 3.75
CA ARG C 269 24.75 28.09 2.49
C ARG C 269 25.40 27.28 1.39
N VAL C 270 24.79 27.38 0.22
CA VAL C 270 25.32 26.71 -0.93
C VAL C 270 25.68 27.85 -1.91
N ASP C 271 25.04 28.03 -3.03
CA ASP C 271 25.49 29.03 -3.98
C ASP C 271 24.88 30.40 -3.77
N GLU C 272 23.84 30.53 -2.95
CA GLU C 272 23.07 31.75 -2.81
C GLU C 272 23.76 32.97 -2.23
N ILE C 273 24.78 32.87 -1.38
CA ILE C 273 25.43 34.10 -0.97
C ILE C 273 26.83 33.86 -1.50
N ALA C 274 27.23 34.75 -2.43
CA ALA C 274 28.51 34.67 -3.08
C ALA C 274 29.55 35.00 -2.04
N THR C 275 30.70 34.32 -2.01
CA THR C 275 31.69 34.52 -0.96
C THR C 275 32.25 35.93 -0.83
N ASP C 276 31.98 36.80 -1.82
CA ASP C 276 32.50 38.15 -1.82
C ASP C 276 31.70 39.04 -0.89
N VAL C 277 30.52 38.56 -0.44
CA VAL C 277 29.66 39.31 0.50
C VAL C 277 30.31 39.27 1.86
N ASP C 278 31.04 38.18 2.09
CA ASP C 278 31.68 37.87 3.35
C ASP C 278 32.59 38.99 3.78
N LYS C 279 33.20 39.64 2.80
CA LYS C 279 34.13 40.68 3.14
C LYS C 279 33.43 42.02 3.38
N THR C 280 32.11 42.16 3.29
CA THR C 280 31.45 43.45 3.42
C THR C 280 31.06 43.64 4.89
N PRO C 281 30.84 44.86 5.45
CA PRO C 281 30.24 45.04 6.76
C PRO C 281 28.80 44.58 6.88
N HIS C 282 28.13 44.22 5.78
CA HIS C 282 26.77 43.77 5.88
C HIS C 282 26.68 42.28 6.16
N ALA C 283 27.75 41.50 6.00
CA ALA C 283 27.71 40.08 6.24
C ALA C 283 27.84 39.88 7.76
N TRP C 284 26.96 39.04 8.31
CA TRP C 284 26.91 38.81 9.74
C TRP C 284 26.44 37.40 10.09
N TYR C 285 26.52 36.48 9.13
CA TYR C 285 26.07 35.11 9.35
C TYR C 285 27.01 34.26 10.24
N PHE C 286 28.30 34.59 10.34
CA PHE C 286 29.13 33.77 11.16
C PHE C 286 29.01 34.28 12.58
N GLN C 287 28.80 35.59 12.76
CA GLN C 287 28.53 36.18 14.07
C GLN C 287 27.23 35.66 14.64
N GLN C 288 26.21 35.66 13.82
CA GLN C 288 24.95 35.03 14.13
C GLN C 288 25.19 33.60 14.65
N ALA C 289 26.12 32.85 14.02
CA ALA C 289 26.38 31.44 14.33
C ALA C 289 27.01 31.28 15.68
N GLY C 290 28.00 32.14 15.93
CA GLY C 290 28.65 32.21 17.21
C GLY C 290 27.57 32.50 18.25
N ASN C 291 26.57 33.32 17.93
CA ASN C 291 25.53 33.66 18.89
C ASN C 291 24.64 32.55 19.35
N GLY C 292 24.71 31.38 18.73
CA GLY C 292 23.98 30.21 19.16
C GLY C 292 24.50 29.67 20.49
N ILE C 293 25.76 29.96 20.83
CA ILE C 293 26.26 29.55 22.12
C ILE C 293 25.55 30.31 23.24
N PHE C 294 25.33 31.61 23.13
CA PHE C 294 24.72 32.34 24.22
C PHE C 294 23.26 32.01 24.34
N ALA C 295 22.52 32.01 23.24
CA ALA C 295 21.11 31.64 23.26
C ALA C 295 20.88 30.20 23.71
N ARG C 296 21.70 29.21 23.35
CA ARG C 296 21.49 27.86 23.80
C ARG C 296 21.93 27.65 25.25
N GLN C 297 23.00 28.30 25.77
CA GLN C 297 23.27 28.30 27.23
C GLN C 297 22.07 28.93 27.96
N ALA C 298 21.50 30.09 27.59
CA ALA C 298 20.38 30.67 28.29
C ALA C 298 19.15 29.81 28.44
N LEU C 299 18.76 29.16 27.36
CA LEU C 299 17.64 28.27 27.31
C LEU C 299 17.91 27.09 28.21
N LEU C 300 19.07 26.41 28.14
CA LEU C 300 19.32 25.28 29.02
C LEU C 300 19.27 25.60 30.53
N ALA C 301 19.75 26.79 30.86
CA ALA C 301 19.81 27.32 32.21
C ALA C 301 18.41 27.56 32.75
N LEU C 302 17.52 28.18 31.98
CA LEU C 302 16.18 28.48 32.40
C LEU C 302 15.33 27.23 32.49
N VAL C 303 15.50 26.31 31.56
CA VAL C 303 14.70 25.09 31.59
C VAL C 303 15.13 24.24 32.77
N LEU C 304 16.43 24.17 33.05
CA LEU C 304 16.91 23.30 34.11
C LEU C 304 17.16 23.96 35.45
N ASN C 305 16.88 25.25 35.64
CA ASN C 305 17.10 25.94 36.91
C ASN C 305 15.89 26.71 37.32
N ARG C 306 15.33 26.42 38.49
CA ARG C 306 14.07 27.03 38.92
C ARG C 306 14.16 28.56 39.05
N ASP C 307 15.30 29.12 39.45
CA ASP C 307 15.51 30.57 39.52
C ASP C 307 16.94 30.78 39.15
N LEU C 308 17.26 31.81 38.41
CA LEU C 308 18.65 32.06 38.06
C LEU C 308 18.89 33.44 38.64
N VAL C 309 20.09 33.74 39.13
CA VAL C 309 20.42 35.07 39.62
C VAL C 309 21.77 35.21 38.95
N LEU C 310 21.72 36.10 37.99
CA LEU C 310 22.82 36.53 37.14
C LEU C 310 22.27 37.82 36.55
N GLY D 8 -45.79 7.24 13.42
CA GLY D 8 -45.08 8.43 12.95
C GLY D 8 -44.42 7.97 11.66
N VAL D 9 -43.37 8.62 11.19
CA VAL D 9 -42.78 8.08 9.98
C VAL D 9 -41.64 7.23 10.53
N GLU D 10 -42.20 6.09 10.99
CA GLU D 10 -41.68 4.98 11.83
C GLU D 10 -41.90 5.44 13.29
N ALA D 11 -41.45 4.72 14.30
CA ALA D 11 -41.75 5.08 15.66
C ALA D 11 -40.89 4.26 16.54
N ILE D 12 -40.29 4.91 17.52
CA ILE D 12 -39.39 4.22 18.44
C ILE D 12 -39.81 4.72 19.81
N LYS D 13 -39.77 3.82 20.78
CA LYS D 13 -40.04 4.24 22.14
C LYS D 13 -38.76 4.99 22.56
N ARG D 14 -37.61 4.36 22.80
CA ARG D 14 -36.38 5.04 23.18
C ARG D 14 -35.47 4.94 21.97
N GLY D 15 -34.62 5.93 21.70
CA GLY D 15 -33.64 5.82 20.64
C GLY D 15 -33.30 7.14 19.95
N THR D 16 -32.43 7.00 18.96
CA THR D 16 -32.05 8.16 18.21
C THR D 16 -32.53 8.06 16.76
N VAL D 17 -32.94 9.22 16.28
CA VAL D 17 -33.31 9.37 14.90
C VAL D 17 -32.47 10.56 14.42
N ILE D 18 -31.53 10.25 13.52
CA ILE D 18 -30.69 11.26 12.88
C ILE D 18 -31.45 11.44 11.56
N ASP D 19 -31.63 12.70 11.19
CA ASP D 19 -32.47 13.05 10.08
C ASP D 19 -31.84 14.21 9.32
N HIS D 20 -32.38 14.60 8.13
CA HIS D 20 -31.84 15.63 7.22
C HIS D 20 -30.36 15.38 6.94
N ILE D 21 -30.07 14.09 6.67
CA ILE D 21 -28.73 13.64 6.30
C ILE D 21 -28.62 13.79 4.76
N PRO D 22 -27.60 14.46 4.22
CA PRO D 22 -27.43 14.64 2.79
C PRO D 22 -27.36 13.30 2.10
N ALA D 23 -27.98 13.32 0.93
CA ALA D 23 -27.93 12.22 -0.02
C ALA D 23 -26.47 11.86 -0.34
N GLN D 24 -26.27 10.56 -0.15
CA GLN D 24 -25.00 9.85 -0.14
C GLN D 24 -24.11 10.00 1.11
N ILE D 25 -24.60 10.55 2.23
CA ILE D 25 -23.84 10.53 3.47
C ILE D 25 -24.38 9.45 4.41
N GLY D 26 -25.69 9.25 4.49
CA GLY D 26 -26.30 8.27 5.41
C GLY D 26 -25.58 6.93 5.50
N PHE D 27 -25.23 6.40 4.33
CA PHE D 27 -24.55 5.12 4.28
C PHE D 27 -23.11 5.23 4.76
N LYS D 28 -22.40 6.33 4.56
CA LYS D 28 -21.05 6.43 5.12
C LYS D 28 -21.19 6.37 6.63
N LEU D 29 -22.23 7.01 7.21
CA LEU D 29 -22.41 7.02 8.66
C LEU D 29 -22.59 5.63 9.23
N LEU D 30 -23.31 4.73 8.56
CA LEU D 30 -23.41 3.35 9.04
C LEU D 30 -22.04 2.69 9.15
N SER D 31 -21.15 2.97 8.19
CA SER D 31 -19.79 2.41 8.19
C SER D 31 -18.95 3.12 9.27
N LEU D 32 -18.85 4.44 9.16
CA LEU D 32 -18.14 5.26 10.12
C LEU D 32 -18.53 5.03 11.58
N PHE D 33 -19.78 5.24 12.01
CA PHE D 33 -20.11 5.07 13.41
C PHE D 33 -20.35 3.59 13.75
N LYS D 34 -19.98 2.62 12.90
CA LYS D 34 -20.12 1.19 13.21
C LYS D 34 -21.52 0.76 13.69
N LEU D 35 -22.54 1.52 13.29
CA LEU D 35 -23.91 1.36 13.75
C LEU D 35 -24.54 0.00 13.54
N THR D 36 -24.12 -0.70 12.51
CA THR D 36 -24.60 -2.05 12.24
C THR D 36 -24.09 -3.09 13.24
N GLU D 37 -22.97 -2.91 13.97
CA GLU D 37 -22.60 -3.89 15.00
C GLU D 37 -23.59 -3.58 16.11
N THR D 38 -24.78 -4.16 16.04
CA THR D 38 -25.84 -3.87 16.97
C THR D 38 -26.86 -4.98 16.81
N ASP D 39 -27.82 -5.00 17.72
CA ASP D 39 -28.87 -5.99 17.63
C ASP D 39 -30.23 -5.35 17.72
N GLN D 40 -30.26 -4.05 18.00
CA GLN D 40 -31.55 -3.43 18.19
C GLN D 40 -31.92 -2.97 16.80
N ARG D 41 -33.22 -2.82 16.58
CA ARG D 41 -33.80 -2.46 15.29
C ARG D 41 -33.27 -1.18 14.69
N ILE D 42 -32.92 -1.26 13.40
CA ILE D 42 -32.51 -0.06 12.64
C ILE D 42 -33.44 0.11 11.44
N THR D 43 -33.97 1.31 11.25
CA THR D 43 -34.73 1.65 10.07
C THR D 43 -33.83 2.63 9.31
N ILE D 44 -33.50 2.40 8.04
CA ILE D 44 -32.72 3.37 7.30
C ILE D 44 -33.62 3.71 6.13
N GLY D 45 -33.72 4.97 5.80
CA GLY D 45 -34.46 5.43 4.65
C GLY D 45 -33.45 6.20 3.82
N LEU D 46 -32.91 5.57 2.78
CA LEU D 46 -32.00 6.23 1.86
C LEU D 46 -32.78 6.90 0.75
N ASN D 47 -32.44 8.17 0.56
CA ASN D 47 -32.92 8.94 -0.56
C ASN D 47 -34.42 9.17 -0.52
N LEU D 48 -34.85 9.63 0.67
CA LEU D 48 -36.22 10.06 0.93
C LEU D 48 -36.35 11.54 0.52
N PRO D 49 -37.52 12.20 0.52
CA PRO D 49 -37.66 13.64 0.33
C PRO D 49 -37.10 14.52 1.45
N SER D 50 -37.12 15.84 1.27
CA SER D 50 -36.79 16.86 2.28
C SER D 50 -36.88 18.20 1.57
N GLY D 51 -38.13 18.61 1.31
CA GLY D 51 -38.53 19.85 0.64
C GLY D 51 -37.45 20.83 0.16
N GLU D 52 -36.69 21.38 1.12
CA GLU D 52 -35.63 22.35 0.85
C GLU D 52 -34.47 21.77 0.08
N MET D 53 -34.02 20.58 0.46
CA MET D 53 -32.89 19.96 -0.15
C MET D 53 -33.18 18.52 -0.49
N GLY D 54 -34.32 18.50 -1.16
CA GLY D 54 -34.90 17.38 -1.89
C GLY D 54 -34.72 15.97 -1.36
N ARG D 55 -33.53 15.40 -1.44
CA ARG D 55 -33.32 14.00 -1.13
C ARG D 55 -32.51 13.85 0.15
N LYS D 56 -33.06 13.29 1.22
CA LYS D 56 -32.29 13.14 2.44
C LYS D 56 -32.21 11.67 2.77
N ASP D 57 -31.42 11.40 3.80
CA ASP D 57 -31.35 10.08 4.38
C ASP D 57 -31.76 10.29 5.82
N LEU D 58 -32.14 9.19 6.43
CA LEU D 58 -32.68 9.16 7.75
C LEU D 58 -32.23 7.83 8.28
N ILE D 59 -31.81 7.76 9.54
CA ILE D 59 -31.36 6.52 10.14
C ILE D 59 -32.10 6.44 11.47
N LYS D 60 -32.55 5.26 11.88
CA LYS D 60 -33.27 5.10 13.12
C LYS D 60 -32.72 3.93 13.90
N ILE D 61 -32.00 4.30 14.93
CA ILE D 61 -31.37 3.35 15.82
C ILE D 61 -32.34 3.35 16.97
N GLU D 62 -33.02 2.22 17.17
CA GLU D 62 -33.92 2.11 18.30
C GLU D 62 -33.08 1.66 19.50
N ASN D 63 -33.43 2.30 20.63
CA ASN D 63 -32.85 2.10 21.95
C ASN D 63 -31.35 2.26 21.98
N THR D 64 -30.82 3.33 21.34
CA THR D 64 -29.38 3.61 21.25
C THR D 64 -29.22 5.09 21.01
N PHE D 65 -28.21 5.66 21.68
CA PHE D 65 -27.91 7.07 21.65
C PHE D 65 -26.42 7.16 21.34
N LEU D 66 -25.97 8.19 20.62
CA LEU D 66 -24.58 8.30 20.20
C LEU D 66 -23.61 8.90 21.24
N SER D 67 -22.35 8.44 21.33
CA SER D 67 -21.38 9.05 22.21
C SER D 67 -20.86 10.35 21.61
N GLU D 68 -20.36 11.28 22.43
CA GLU D 68 -19.96 12.64 22.04
C GLU D 68 -19.23 12.81 20.70
N ASP D 69 -18.12 12.11 20.64
CA ASP D 69 -17.28 11.89 19.46
C ASP D 69 -18.08 11.70 18.19
N GLN D 70 -19.07 10.83 18.22
CA GLN D 70 -19.91 10.60 17.09
C GLN D 70 -20.66 11.87 16.68
N VAL D 71 -21.23 12.63 17.61
CA VAL D 71 -21.99 13.80 17.23
C VAL D 71 -21.05 14.91 16.77
N ASP D 72 -19.82 14.91 17.28
CA ASP D 72 -18.82 15.87 16.86
C ASP D 72 -18.34 15.51 15.47
N GLN D 73 -18.27 14.21 15.17
CA GLN D 73 -17.90 13.75 13.84
C GLN D 73 -19.03 14.09 12.87
N LEU D 74 -20.27 13.91 13.35
CA LEU D 74 -21.49 14.17 12.65
C LEU D 74 -21.43 15.63 12.29
N ALA D 75 -21.02 16.53 13.17
CA ALA D 75 -20.87 17.94 12.82
C ALA D 75 -19.98 18.17 11.61
N LEU D 76 -18.92 17.38 11.48
CA LEU D 76 -18.02 17.48 10.34
C LEU D 76 -18.48 16.68 9.15
N TYR D 77 -19.34 15.67 9.26
CA TYR D 77 -19.79 14.97 8.05
C TYR D 77 -21.18 15.39 7.55
N ALA D 78 -22.02 15.91 8.44
CA ALA D 78 -23.41 16.22 8.16
C ALA D 78 -23.89 17.37 9.07
N PRO D 79 -23.40 18.60 8.88
CA PRO D 79 -23.78 19.80 9.64
C PRO D 79 -25.26 20.21 9.65
N GLN D 80 -25.91 19.65 8.62
CA GLN D 80 -27.32 19.82 8.32
C GLN D 80 -28.19 18.95 9.22
N ALA D 81 -27.64 17.76 9.52
CA ALA D 81 -28.44 16.74 10.11
C ALA D 81 -28.88 17.16 11.47
N THR D 82 -29.94 16.51 11.90
CA THR D 82 -30.46 16.76 13.20
C THR D 82 -30.57 15.41 13.92
N VAL D 83 -30.21 15.44 15.19
CA VAL D 83 -30.25 14.26 16.06
C VAL D 83 -31.38 14.47 17.06
N ASN D 84 -32.23 13.46 17.12
CA ASN D 84 -33.41 13.45 17.94
C ASN D 84 -33.32 12.34 18.96
N ARG D 85 -33.38 12.65 20.24
CA ARG D 85 -33.42 11.68 21.33
C ARG D 85 -34.90 11.48 21.60
N ILE D 86 -35.34 10.26 21.46
CA ILE D 86 -36.74 9.91 21.61
C ILE D 86 -36.84 9.10 22.89
N ASP D 87 -37.47 9.51 24.00
CA ASP D 87 -37.64 8.52 25.07
C ASP D 87 -39.13 8.32 25.22
N ASN D 88 -39.48 7.03 25.21
CA ASN D 88 -40.86 6.60 25.20
C ASN D 88 -41.73 7.44 24.25
N TYR D 89 -41.37 7.37 22.99
CA TYR D 89 -42.00 8.05 21.88
C TYR D 89 -41.97 9.57 22.01
N GLU D 90 -41.50 10.12 23.13
CA GLU D 90 -41.47 11.55 23.36
C GLU D 90 -40.17 11.96 22.67
N VAL D 91 -40.22 12.94 21.74
CA VAL D 91 -39.01 13.51 21.13
C VAL D 91 -38.41 14.43 22.21
N VAL D 92 -37.84 13.76 23.21
CA VAL D 92 -37.27 14.36 24.39
C VAL D 92 -36.23 15.44 24.07
N GLY D 93 -35.54 15.31 22.94
CA GLY D 93 -34.56 16.31 22.54
C GLY D 93 -34.25 16.22 21.07
N LYS D 94 -34.00 17.37 20.44
CA LYS D 94 -33.68 17.45 19.03
C LYS D 94 -32.72 18.61 18.91
N SER D 95 -31.51 18.20 18.58
CA SER D 95 -30.34 19.04 18.46
C SER D 95 -29.55 18.78 17.16
N ARG D 96 -28.94 19.86 16.66
CA ARG D 96 -28.20 19.85 15.40
C ARG D 96 -26.76 20.05 15.90
N PRO D 97 -25.71 19.39 15.37
CA PRO D 97 -24.39 19.34 15.99
C PRO D 97 -23.56 20.60 15.76
N SER D 98 -23.00 21.16 16.84
CA SER D 98 -22.10 22.28 16.67
C SER D 98 -20.67 21.73 16.56
N LEU D 99 -19.80 22.45 15.85
CA LEU D 99 -18.45 21.96 15.69
C LEU D 99 -17.63 21.91 16.96
N PRO D 100 -16.73 20.93 17.15
CA PRO D 100 -15.81 20.96 18.28
C PRO D 100 -14.59 21.86 18.18
N GLU D 101 -13.81 21.75 19.23
CA GLU D 101 -12.53 22.42 19.27
C GLU D 101 -11.49 21.49 18.60
N ARG D 102 -11.55 20.19 18.92
CA ARG D 102 -10.55 19.24 18.46
C ARG D 102 -11.18 17.94 18.02
N ILE D 103 -10.65 17.24 17.02
CA ILE D 103 -11.14 15.92 16.64
C ILE D 103 -9.98 14.98 16.98
N ASP D 104 -10.18 13.83 17.61
CA ASP D 104 -9.12 12.91 17.98
C ASP D 104 -9.37 11.53 17.41
N ASN D 105 -8.31 10.74 17.30
CA ASN D 105 -8.32 9.37 16.80
C ASN D 105 -9.14 8.96 15.58
N VAL D 106 -9.70 9.81 14.74
CA VAL D 106 -10.36 9.33 13.52
C VAL D 106 -9.85 9.99 12.27
N LEU D 107 -9.28 11.20 12.22
CA LEU D 107 -8.91 11.79 10.93
C LEU D 107 -7.52 11.36 10.51
N VAL D 108 -7.00 11.53 9.30
CA VAL D 108 -5.64 11.08 9.00
C VAL D 108 -4.90 12.23 8.33
N CYS D 109 -3.77 12.68 8.87
CA CYS D 109 -3.07 13.83 8.30
C CYS D 109 -2.62 13.66 6.84
N PRO D 110 -3.01 14.63 6.01
CA PRO D 110 -2.51 14.76 4.66
C PRO D 110 -0.97 14.84 4.56
N ASN D 111 -0.23 15.26 5.62
CA ASN D 111 1.20 15.42 5.47
C ASN D 111 1.84 14.06 5.58
N SER D 112 2.38 13.48 4.51
CA SER D 112 2.93 12.13 4.60
C SER D 112 4.11 11.98 5.53
N ASN D 113 4.77 13.12 5.78
CA ASN D 113 5.92 13.13 6.61
C ASN D 113 5.54 13.45 8.04
N CYS D 114 4.26 13.33 8.41
CA CYS D 114 3.82 13.53 9.77
C CYS D 114 4.29 12.33 10.59
N ILE D 115 4.75 12.57 11.83
CA ILE D 115 5.17 11.47 12.69
C ILE D 115 3.92 10.63 13.06
N SER D 116 2.71 11.16 12.94
CA SER D 116 1.51 10.46 13.29
C SER D 116 1.29 9.16 12.55
N HIS D 117 1.87 9.07 11.38
CA HIS D 117 1.71 7.90 10.58
C HIS D 117 2.46 6.73 11.16
N ALA D 118 3.75 6.97 11.32
CA ALA D 118 4.70 6.00 11.80
C ALA D 118 4.59 5.53 13.25
N GLU D 119 4.11 6.39 14.11
CA GLU D 119 4.25 6.11 15.52
C GLU D 119 2.93 5.77 16.17
N PRO D 120 2.90 5.15 17.36
CA PRO D 120 1.67 4.71 18.05
C PRO D 120 0.90 5.86 18.65
N VAL D 121 0.42 6.85 17.88
CA VAL D 121 -0.35 7.92 18.47
C VAL D 121 -1.70 8.10 17.81
N SER D 122 -2.62 8.45 18.70
CA SER D 122 -3.97 8.83 18.32
C SER D 122 -3.80 10.21 17.68
N SER D 123 -4.44 10.43 16.55
CA SER D 123 -4.38 11.73 15.90
C SER D 123 -5.18 12.80 16.66
N SER D 124 -4.90 14.07 16.42
CA SER D 124 -5.69 15.11 17.00
C SER D 124 -5.64 16.31 16.06
N PHE D 125 -6.77 17.02 15.88
CA PHE D 125 -6.87 18.19 15.01
C PHE D 125 -7.58 19.37 15.64
N ALA D 126 -7.08 20.58 15.44
CA ALA D 126 -7.74 21.79 15.90
C ALA D 126 -8.78 22.21 14.86
N VAL D 127 -9.99 22.66 15.21
CA VAL D 127 -11.06 22.95 14.24
C VAL D 127 -11.36 24.46 14.02
N ARG D 128 -10.61 25.23 13.22
CA ARG D 128 -10.88 26.66 13.04
C ARG D 128 -11.92 26.68 11.95
N LYS D 129 -13.05 27.17 12.39
CA LYS D 129 -14.14 27.35 11.48
C LYS D 129 -13.76 28.56 10.65
N ARG D 130 -13.45 28.39 9.37
CA ARG D 130 -13.18 29.54 8.54
C ARG D 130 -14.53 29.89 7.94
N ALA D 131 -14.69 31.17 7.61
CA ALA D 131 -15.91 31.64 6.92
C ALA D 131 -16.10 30.92 5.57
N ASN D 132 -14.94 30.57 5.02
CA ASN D 132 -14.83 29.79 3.80
C ASN D 132 -15.29 28.35 3.99
N ASP D 133 -14.71 27.66 4.99
CA ASP D 133 -14.84 26.19 5.15
C ASP D 133 -14.24 25.82 6.50
N ILE D 134 -13.87 24.57 6.76
CA ILE D 134 -13.28 24.23 8.04
C ILE D 134 -11.77 23.97 7.83
N ALA D 135 -10.91 24.62 8.62
CA ALA D 135 -9.48 24.42 8.57
C ALA D 135 -9.17 23.58 9.82
N LEU D 136 -8.45 22.48 9.62
CA LEU D 136 -8.07 21.55 10.68
C LEU D 136 -6.58 21.61 10.88
N LYS D 137 -6.08 21.71 12.12
CA LYS D 137 -4.64 21.79 12.29
C LYS D 137 -4.10 20.54 12.98
N CYS D 138 -3.17 19.82 12.34
CA CYS D 138 -2.56 18.68 12.96
C CYS D 138 -1.77 19.04 14.22
N LYS D 139 -2.09 18.30 15.26
CA LYS D 139 -1.41 18.39 16.53
C LYS D 139 0.10 18.23 16.44
N TYR D 140 0.53 17.36 15.56
CA TYR D 140 1.91 17.00 15.51
C TYR D 140 2.64 17.87 14.54
N CYS D 141 2.28 17.91 13.27
CA CYS D 141 3.13 18.60 12.32
C CYS D 141 2.85 20.09 12.17
N GLU D 142 1.78 20.54 12.86
CA GLU D 142 1.28 21.90 12.89
C GLU D 142 0.80 22.50 11.57
N LYS D 143 0.65 21.67 10.55
CA LYS D 143 0.08 22.11 9.29
C LYS D 143 -1.43 22.17 9.50
N GLU D 144 -1.98 23.25 8.97
CA GLU D 144 -3.41 23.45 8.91
C GLU D 144 -3.89 23.01 7.52
N PHE D 145 -5.05 22.39 7.40
CA PHE D 145 -5.51 21.88 6.12
C PHE D 145 -6.99 22.20 5.96
N SER D 146 -7.51 22.09 4.72
CA SER D 146 -8.96 22.27 4.48
C SER D 146 -9.61 20.97 4.87
N HIS D 147 -10.81 21.12 5.44
CA HIS D 147 -11.50 19.94 5.88
C HIS D 147 -11.81 19.06 4.69
N ASN D 148 -11.86 19.63 3.48
CA ASN D 148 -12.14 18.89 2.27
C ASN D 148 -10.98 17.97 1.98
N VAL D 149 -9.79 18.54 2.18
CA VAL D 149 -8.52 17.83 2.00
C VAL D 149 -8.49 16.65 2.98
N VAL D 150 -8.70 16.96 4.26
CA VAL D 150 -8.60 15.99 5.33
C VAL D 150 -9.65 14.91 5.24
N LEU D 151 -10.87 15.28 4.86
CA LEU D 151 -11.92 14.30 4.89
C LEU D 151 -12.09 13.58 3.59
N ALA D 152 -11.26 13.93 2.62
CA ALA D 152 -11.29 13.24 1.36
C ALA D 152 -10.87 11.76 1.49
N ASN D 153 -12.01 11.13 1.26
CA ASN D 153 -12.20 9.70 1.15
C ASN D 153 -12.05 9.26 -0.33
O4 GLC E . 12.67 -26.35 -12.53
C1 GLC E . 12.34 -25.45 -13.30
C2 GLC E . 11.74 -25.82 -14.66
C3 GLC E . 10.49 -25.06 -15.12
C4 GLC E . 9.39 -25.61 -15.15
O3 GLC E . 10.61 -23.89 -15.49
O5 GLC E . 12.49 -24.28 -13.01
O4 GLC F . 19.39 24.99 6.00
C1 GLC F . 19.40 24.27 6.99
C2 GLC F . 19.16 24.92 8.33
C3 GLC F . 18.18 24.12 9.18
C4 GLC F . 17.02 24.52 9.26
O3 GLC F . 18.61 23.11 9.75
O5 GLC F . 19.60 23.05 6.94
P PCT G . 13.83 -24.35 -18.55
O1P PCT G . 13.59 -23.18 -17.51
O2P PCT G . 15.34 -24.66 -18.79
O3P PCT G . 13.11 -24.09 -19.91
C1P PCT G . 13.20 -25.88 -17.77
C1 PCT G . 11.85 -26.47 -18.18
O1 PCT G . 10.90 -25.87 -18.70
N1 PCT G . 11.80 -27.74 -17.82
ZN ZN H . -5.86 -15.35 -8.88
N1 CTP I . -44.19 -6.27 -0.40
C2 CTP I . -44.21 -4.93 -0.30
N3 CTP I . -44.96 -4.06 -0.95
C4 CTP I . -45.79 -4.59 -1.84
C5 CTP I . -45.87 -5.96 -2.01
C6 CTP I . -45.03 -6.77 -1.26
O2 CTP I . -43.48 -4.38 0.49
N4 CTP I . -46.54 -3.82 -2.64
C1' CTP I . -43.15 -7.09 0.26
C2' CTP I . -43.63 -7.43 1.61
O2' CTP I . -42.98 -6.49 2.48
C3' CTP I . -43.25 -8.88 1.85
C4' CTP I . -42.59 -9.30 0.54
O4' CTP I . -42.90 -8.32 -0.44
O3' CTP I . -42.24 -9.03 2.87
C5' CTP I . -43.08 -10.66 0.08
O5' CTP I . -44.31 -10.51 -0.61
PA CTP I . -45.69 -10.89 0.22
O1A CTP I . -46.68 -9.67 0.06
O2A CTP I . -46.28 -12.21 -0.43
O3A CTP I . -45.40 -11.06 1.84
PB CTP I . -45.25 -12.65 2.21
O1B CTP I . -46.52 -13.46 1.73
O2B CTP I . -45.09 -12.75 3.78
O3B CTP I . -43.92 -13.25 1.43
PG CTP I . -43.29 -14.52 2.27
O1G CTP I . -44.49 -15.36 2.87
O2G CTP I . -42.38 -13.91 3.39
O3G CTP I . -42.45 -15.40 1.25
P PCT J . 22.95 22.62 10.94
O1P PCT J . 22.49 21.41 10.07
O2P PCT J . 24.46 22.97 10.76
O3P PCT J . 22.62 22.43 12.44
C1P PCT J . 22.05 24.08 10.25
C1 PCT J . 21.11 24.89 11.14
O1 PCT J . 20.39 24.41 12.00
N1 PCT J . 21.10 26.19 10.85
ZN ZN K . 0.36 15.94 10.75
N1 CTP L . -39.79 9.47 15.62
C2 CTP L . -39.84 8.15 15.84
N3 CTP L . -40.49 7.50 16.79
C4 CTP L . -41.13 8.26 17.66
C5 CTP L . -41.14 9.63 17.55
C6 CTP L . -40.43 10.20 16.51
O2 CTP L . -39.27 7.37 15.10
N4 CTP L . -41.86 7.72 18.64
C1' CTP L . -39.00 10.12 14.54
C2' CTP L . -39.92 10.81 13.56
O2' CTP L . -40.01 9.95 12.43
C3' CTP L . -39.25 12.15 13.23
C4' CTP L . -38.38 12.40 14.46
O4' CTP L . -38.16 11.14 15.08
O3' CTP L . -38.39 11.98 12.10
C5' CTP L . -39.11 13.28 15.44
O5' CTP L . -38.83 14.67 15.19
PA CTP L . -40.04 15.75 14.89
O1A CTP L . -41.15 15.55 15.99
O2A CTP L . -39.34 17.17 15.02
O3A CTP L . -40.68 15.52 13.38
PB CTP L . -40.32 16.80 12.42
O1B CTP L . -40.80 18.13 13.16
O2B CTP L . -41.09 16.71 11.05
O3B CTP L . -38.67 16.71 12.15
PG CTP L . -37.97 18.21 11.97
O1G CTP L . -38.60 19.22 13.04
O2G CTP L . -38.23 18.68 10.48
O3G CTP L . -36.43 18.09 12.29
#